data_6ZC9
#
_entry.id   6ZC9
#
_cell.length_a   205.707
_cell.length_b   205.707
_cell.length_c   74.649
_cell.angle_alpha   90.000
_cell.angle_beta   90.000
_cell.angle_gamma   120.000
#
_symmetry.space_group_name_H-M   'H 3'
#
loop_
_entity.id
_entity.type
_entity.pdbx_description
1 polymer '14-3-3 protein gamma'
2 polymer 'E3 ubiquitin-protein ligase NEDD4-like'
3 non-polymer 1,1,1,3,3,3-hexafluoropropan-2-ol
4 water water
#
loop_
_entity_poly.entity_id
_entity_poly.type
_entity_poly.pdbx_seq_one_letter_code
_entity_poly.pdbx_strand_id
1 'polypeptide(L)'
;MVDREQLVQKARLAEQAERYDDMAAAMKNVTELNEPLSNEERNLLSVAYKNVVGARRSSWRVISSIEQKTSADGNEKKIE
MVRAYREKIEKELEAVCQDVLSLLDNYLIKNCSETQYESKVFYLKMKGDYYRYLAEVATGEKRATVVESSEKAYSEAHEI
SKEHMQPTHPIRLGLALNYSVFYYEIQNAPEQACHLAKTAFDDAIAELDTLNEDSYKDSTLIMQLLRDNLTLWT
;
A,B,C,D
2 'polypeptide(L)' PRSL(SEP)SPTVT E,F,G,H
#
# COMPACT_ATOMS: atom_id res chain seq x y z
N ASP A 3 11.97 -27.87 -25.77
CA ASP A 3 12.91 -26.91 -25.22
C ASP A 3 12.44 -25.47 -25.41
N ARG A 4 12.05 -25.13 -26.65
CA ARG A 4 11.67 -23.75 -26.94
C ARG A 4 10.54 -23.29 -26.05
N GLU A 5 9.53 -24.14 -25.85
CA GLU A 5 8.41 -23.80 -24.98
C GLU A 5 8.85 -23.59 -23.54
N GLN A 6 9.95 -24.24 -23.13
CA GLN A 6 10.43 -24.08 -21.77
C GLN A 6 11.18 -22.76 -21.59
N LEU A 7 11.89 -22.29 -22.61
CA LEU A 7 12.48 -20.96 -22.55
C LEU A 7 11.42 -19.88 -22.54
N VAL A 8 10.33 -20.09 -23.30
CA VAL A 8 9.25 -19.13 -23.33
C VAL A 8 8.49 -19.12 -22.01
N GLN A 9 8.27 -20.30 -21.42
CA GLN A 9 7.66 -20.34 -20.10
C GLN A 9 8.56 -19.64 -19.08
N LYS A 10 9.87 -19.79 -19.23
CA LYS A 10 10.80 -19.12 -18.33
C LYS A 10 10.69 -17.59 -18.46
N ALA A 11 10.51 -17.10 -19.68
CA ALA A 11 10.29 -15.66 -19.87
C ALA A 11 9.00 -15.20 -19.20
N ARG A 12 7.94 -16.01 -19.28
CA ARG A 12 6.68 -15.63 -18.65
C ARG A 12 6.82 -15.62 -17.13
N LEU A 13 7.58 -16.56 -16.57
CA LEU A 13 7.82 -16.58 -15.14
C LEU A 13 8.65 -15.38 -14.70
N ALA A 14 9.71 -15.09 -15.44
CA ALA A 14 10.56 -13.95 -15.12
C ALA A 14 9.77 -12.66 -15.13
N GLU A 15 8.83 -12.51 -16.08
CA GLU A 15 7.98 -11.33 -16.13
C GLU A 15 7.11 -11.23 -14.89
N GLN A 16 6.48 -12.33 -14.48
CA GLN A 16 5.67 -12.31 -13.28
C GLN A 16 6.50 -11.96 -12.05
N ALA A 17 7.74 -12.43 -12.00
CA ALA A 17 8.64 -12.11 -10.90
C ALA A 17 9.30 -10.75 -11.05
N GLU A 18 8.98 -10.01 -12.12
CA GLU A 18 9.57 -8.70 -12.41
C GLU A 18 11.10 -8.79 -12.46
N ARG A 19 11.59 -9.86 -13.08
CA ARG A 19 13.02 -10.06 -13.28
C ARG A 19 13.27 -9.95 -14.78
N TYR A 20 13.41 -8.71 -15.25
CA TYR A 20 13.40 -8.47 -16.68
C TYR A 20 14.74 -8.79 -17.34
N ASP A 21 15.84 -8.75 -16.59
CA ASP A 21 17.11 -9.24 -17.11
C ASP A 21 16.99 -10.71 -17.49
N ASP A 22 16.41 -11.53 -16.60
CA ASP A 22 16.18 -12.94 -16.92
C ASP A 22 15.23 -13.09 -18.09
N MET A 23 14.16 -12.29 -18.11
CA MET A 23 13.18 -12.37 -19.18
C MET A 23 13.80 -12.09 -20.53
N ALA A 24 14.68 -11.09 -20.60
CA ALA A 24 15.36 -10.76 -21.85
C ALA A 24 16.34 -11.85 -22.25
N ALA A 25 17.06 -12.41 -21.29
CA ALA A 25 18.00 -13.48 -21.59
C ALA A 25 17.30 -14.69 -22.19
N ALA A 26 16.12 -15.02 -21.67
CA ALA A 26 15.37 -16.16 -22.20
C ALA A 26 14.90 -15.89 -23.62
N MET A 27 14.37 -14.69 -23.89
CA MET A 27 13.89 -14.39 -25.23
C MET A 27 15.04 -14.18 -26.21
N LYS A 28 16.19 -13.71 -25.73
CA LYS A 28 17.38 -13.68 -26.57
C LYS A 28 17.76 -15.08 -27.03
N ASN A 29 17.71 -16.05 -26.10
CA ASN A 29 17.98 -17.44 -26.47
C ASN A 29 16.98 -17.95 -27.49
N VAL A 30 15.69 -17.67 -27.28
CA VAL A 30 14.67 -18.08 -28.23
C VAL A 30 14.94 -17.49 -29.61
N THR A 31 15.30 -16.21 -29.65
CA THR A 31 15.56 -15.55 -30.93
C THR A 31 16.74 -16.18 -31.65
N GLU A 32 17.78 -16.56 -30.91
CA GLU A 32 18.98 -17.10 -31.53
C GLU A 32 18.77 -18.52 -32.06
N LEU A 33 17.63 -19.14 -31.79
CA LEU A 33 17.28 -20.41 -32.44
C LEU A 33 17.01 -20.25 -33.93
N ASN A 34 17.00 -19.01 -34.44
CA ASN A 34 16.90 -18.69 -35.86
C ASN A 34 15.56 -19.06 -36.47
N GLU A 35 14.51 -19.15 -35.65
CA GLU A 35 13.17 -19.35 -36.17
C GLU A 35 12.33 -18.10 -35.94
N PRO A 36 11.32 -17.86 -36.77
CA PRO A 36 10.46 -16.69 -36.56
C PRO A 36 9.74 -16.75 -35.22
N LEU A 37 9.52 -15.58 -34.65
CA LEU A 37 8.82 -15.46 -33.38
C LEU A 37 7.31 -15.36 -33.61
N SER A 38 6.55 -16.08 -32.78
CA SER A 38 5.12 -15.89 -32.73
C SER A 38 4.78 -14.50 -32.21
N ASN A 39 3.51 -14.13 -32.34
CA ASN A 39 3.08 -12.83 -31.84
C ASN A 39 3.29 -12.71 -30.33
N GLU A 40 3.04 -13.78 -29.58
CA GLU A 40 3.29 -13.74 -28.14
C GLU A 40 4.78 -13.66 -27.84
N GLU A 41 5.59 -14.46 -28.53
CA GLU A 41 7.03 -14.42 -28.30
C GLU A 41 7.62 -13.06 -28.67
N ARG A 42 7.13 -12.47 -29.77
CA ARG A 42 7.60 -11.15 -30.17
C ARG A 42 7.26 -10.10 -29.11
N ASN A 43 6.05 -10.19 -28.54
CA ASN A 43 5.66 -9.26 -27.48
C ASN A 43 6.48 -9.48 -26.22
N LEU A 44 6.72 -10.75 -25.86
CA LEU A 44 7.55 -11.05 -24.71
C LEU A 44 8.97 -10.51 -24.89
N LEU A 45 9.54 -10.67 -26.07
CA LEU A 45 10.86 -10.11 -26.34
C LEU A 45 10.84 -8.59 -26.20
N SER A 46 9.82 -7.94 -26.77
CA SER A 46 9.74 -6.48 -26.72
C SER A 46 9.54 -5.97 -25.30
N VAL A 47 8.66 -6.62 -24.53
CA VAL A 47 8.43 -6.19 -23.15
C VAL A 47 9.70 -6.35 -22.32
N ALA A 48 10.40 -7.47 -22.49
CA ALA A 48 11.62 -7.72 -21.71
C ALA A 48 12.64 -6.61 -21.91
N TYR A 49 13.02 -6.34 -23.17
CA TYR A 49 14.07 -5.37 -23.40
C TYR A 49 13.59 -3.94 -23.16
N LYS A 50 12.30 -3.67 -23.37
CA LYS A 50 11.79 -2.34 -23.05
C LYS A 50 11.97 -2.03 -21.57
N ASN A 51 11.73 -3.03 -20.72
CA ASN A 51 11.89 -2.83 -19.27
C ASN A 51 13.36 -2.78 -18.89
N VAL A 52 14.20 -3.60 -19.52
CA VAL A 52 15.64 -3.58 -19.21
C VAL A 52 16.24 -2.23 -19.60
N VAL A 53 16.01 -1.80 -20.84
CA VAL A 53 16.57 -0.53 -21.29
C VAL A 53 15.87 0.63 -20.61
N GLY A 54 14.59 0.47 -20.25
CA GLY A 54 13.87 1.55 -19.61
C GLY A 54 14.40 1.84 -18.22
N ALA A 55 14.81 0.80 -17.50
CA ALA A 55 15.44 1.01 -16.21
C ALA A 55 16.77 1.74 -16.36
N ARG A 56 17.54 1.40 -17.40
CA ARG A 56 18.80 2.09 -17.64
C ARG A 56 18.57 3.53 -18.08
N ARG A 57 17.55 3.74 -18.93
CA ARG A 57 17.20 5.09 -19.37
C ARG A 57 16.74 5.95 -18.21
N SER A 58 15.89 5.40 -17.34
CA SER A 58 15.39 6.16 -16.21
C SER A 58 16.52 6.53 -15.25
N SER A 59 17.42 5.58 -14.97
CA SER A 59 18.56 5.87 -14.10
C SER A 59 19.47 6.92 -14.72
N TRP A 60 19.70 6.82 -16.03
CA TRP A 60 20.56 7.79 -16.70
C TRP A 60 19.98 9.19 -16.61
N ARG A 61 18.66 9.33 -16.73
CA ARG A 61 18.04 10.64 -16.68
C ARG A 61 18.17 11.27 -15.29
N VAL A 62 18.06 10.44 -14.24
CA VAL A 62 18.23 10.94 -12.87
C VAL A 62 19.66 11.42 -12.64
N ILE A 63 20.63 10.58 -13.02
CA ILE A 63 22.02 10.91 -12.77
C ILE A 63 22.45 12.11 -13.60
N SER A 64 22.04 12.16 -14.86
CA SER A 64 22.40 13.28 -15.73
C SER A 64 21.80 14.58 -15.20
N SER A 65 20.57 14.52 -14.69
CA SER A 65 19.97 15.71 -14.07
C SER A 65 20.73 16.12 -12.82
N ILE A 66 21.08 15.16 -11.97
CA ILE A 66 21.86 15.46 -10.77
C ILE A 66 23.24 15.98 -11.14
N GLU A 67 23.82 15.46 -12.23
CA GLU A 67 25.13 15.92 -12.67
C GLU A 67 25.13 17.42 -12.96
N GLN A 68 24.09 17.92 -13.62
CA GLN A 68 23.96 19.35 -13.84
C GLN A 68 23.57 20.04 -12.53
N LYS A 69 24.45 19.96 -11.53
CA LYS A 69 24.23 20.62 -10.25
C LYS A 69 25.51 20.61 -9.43
N ALA A 72 27.05 24.56 -8.43
CA ALA A 72 27.87 23.47 -7.92
C ALA A 72 28.56 23.87 -6.62
N ASP A 73 29.06 22.86 -5.91
CA ASP A 73 29.82 23.07 -4.68
C ASP A 73 31.31 23.26 -4.95
N GLY A 74 31.74 23.24 -6.20
CA GLY A 74 33.15 23.27 -6.53
C GLY A 74 33.90 22.02 -6.16
N ASN A 75 33.22 20.99 -5.64
CA ASN A 75 33.84 19.72 -5.25
C ASN A 75 34.09 18.93 -6.52
N GLU A 76 35.29 19.08 -7.08
CA GLU A 76 35.66 18.33 -8.27
C GLU A 76 35.59 16.82 -8.04
N LYS A 77 35.77 16.40 -6.78
CA LYS A 77 35.70 14.96 -6.49
C LYS A 77 34.27 14.45 -6.51
N LYS A 78 33.29 15.27 -6.13
CA LYS A 78 31.91 14.84 -6.22
C LYS A 78 31.43 14.83 -7.66
N ILE A 79 31.83 15.84 -8.44
CA ILE A 79 31.47 15.90 -9.86
C ILE A 79 32.07 14.72 -10.61
N GLU A 80 33.32 14.36 -10.28
CA GLU A 80 33.97 13.24 -10.95
C GLU A 80 33.26 11.94 -10.64
N MET A 81 32.80 11.76 -9.40
CA MET A 81 32.08 10.55 -9.04
C MET A 81 30.75 10.47 -9.78
N VAL A 82 30.02 11.58 -9.86
CA VAL A 82 28.72 11.59 -10.52
C VAL A 82 28.87 11.29 -12.01
N ARG A 83 29.84 11.94 -12.65
CA ARG A 83 30.02 11.71 -14.09
C ARG A 83 30.52 10.30 -14.36
N ALA A 84 31.35 9.73 -13.49
CA ALA A 84 31.78 8.35 -13.68
C ALA A 84 30.63 7.37 -13.49
N TYR A 85 29.71 7.68 -12.58
CA TYR A 85 28.54 6.81 -12.41
C TYR A 85 27.60 6.93 -13.60
N ARG A 86 27.40 8.15 -14.10
CA ARG A 86 26.63 8.34 -15.33
C ARG A 86 27.22 7.52 -16.48
N GLU A 87 28.55 7.55 -16.62
CA GLU A 87 29.19 6.80 -17.70
C GLU A 87 28.99 5.30 -17.54
N LYS A 88 29.02 4.81 -16.30
CA LYS A 88 28.76 3.40 -16.04
C LYS A 88 27.36 2.99 -16.49
N ILE A 89 26.35 3.79 -16.13
CA ILE A 89 24.99 3.51 -16.56
C ILE A 89 24.87 3.66 -18.08
N GLU A 90 25.54 4.67 -18.63
CA GLU A 90 25.54 4.90 -20.07
C GLU A 90 26.05 3.68 -20.82
N LYS A 91 27.17 3.11 -20.38
CA LYS A 91 27.72 1.95 -21.08
C LYS A 91 26.82 0.73 -20.92
N GLU A 92 26.16 0.59 -19.78
CA GLU A 92 25.17 -0.48 -19.61
C GLU A 92 24.02 -0.31 -20.58
N LEU A 93 23.51 0.92 -20.72
CA LEU A 93 22.43 1.18 -21.65
C LEU A 93 22.86 0.89 -23.09
N GLU A 94 24.08 1.31 -23.46
CA GLU A 94 24.56 1.10 -24.82
C GLU A 94 24.75 -0.39 -25.10
N ALA A 95 25.17 -1.17 -24.10
CA ALA A 95 25.32 -2.60 -24.30
C ALA A 95 23.97 -3.29 -24.52
N VAL A 96 22.93 -2.84 -23.81
CA VAL A 96 21.59 -3.40 -24.03
C VAL A 96 21.12 -3.11 -25.45
N CYS A 97 21.28 -1.85 -25.88
CA CYS A 97 20.89 -1.46 -27.23
C CYS A 97 21.66 -2.25 -28.27
N GLN A 98 22.95 -2.47 -28.03
CA GLN A 98 23.76 -3.24 -28.98
C GLN A 98 23.27 -4.68 -29.07
N ASP A 99 22.85 -5.26 -27.95
CA ASP A 99 22.32 -6.62 -27.96
C ASP A 99 21.03 -6.71 -28.76
N VAL A 100 20.10 -5.77 -28.55
CA VAL A 100 18.83 -5.78 -29.26
C VAL A 100 19.05 -5.56 -30.75
N LEU A 101 19.90 -4.59 -31.09
CA LEU A 101 20.15 -4.27 -32.50
C LEU A 101 20.82 -5.44 -33.21
N SER A 102 21.69 -6.18 -32.52
CA SER A 102 22.26 -7.37 -33.12
C SER A 102 21.20 -8.45 -33.34
N LEU A 103 20.29 -8.61 -32.39
CA LEU A 103 19.19 -9.55 -32.58
C LEU A 103 18.33 -9.16 -33.77
N LEU A 104 18.06 -7.86 -33.92
CA LEU A 104 17.22 -7.39 -35.01
C LEU A 104 17.92 -7.59 -36.36
N ASP A 105 19.20 -7.23 -36.43
CA ASP A 105 19.93 -7.28 -37.70
C ASP A 105 20.31 -8.70 -38.09
N ASN A 106 20.59 -9.56 -37.12
CA ASN A 106 21.09 -10.89 -37.43
C ASN A 106 19.98 -11.93 -37.51
N TYR A 107 18.88 -11.75 -36.77
CA TYR A 107 17.80 -12.73 -36.80
C TYR A 107 16.46 -12.16 -37.22
N LEU A 108 15.96 -11.11 -36.55
CA LEU A 108 14.54 -10.80 -36.61
C LEU A 108 14.16 -10.11 -37.91
N ILE A 109 14.83 -9.00 -38.24
CA ILE A 109 14.59 -8.36 -39.53
C ILE A 109 15.01 -9.29 -40.65
N LYS A 110 16.12 -10.01 -40.45
CA LYS A 110 16.69 -10.86 -41.49
C LYS A 110 15.72 -11.95 -41.92
N ASN A 111 15.04 -12.58 -40.97
CA ASN A 111 14.18 -13.72 -41.30
C ASN A 111 12.80 -13.31 -41.79
N CYS A 112 12.56 -12.01 -41.98
CA CYS A 112 11.28 -11.55 -42.48
C CYS A 112 11.21 -11.73 -43.99
N SER A 113 10.19 -12.42 -44.46
CA SER A 113 9.98 -12.55 -45.90
C SER A 113 9.57 -11.21 -46.48
N GLU A 114 9.58 -11.14 -47.82
CA GLU A 114 9.33 -9.88 -48.50
C GLU A 114 7.93 -9.36 -48.22
N THR A 115 6.98 -10.27 -47.99
CA THR A 115 5.57 -9.93 -47.79
C THR A 115 5.17 -9.93 -46.32
N GLN A 116 6.13 -10.08 -45.41
CA GLN A 116 5.85 -10.09 -43.96
C GLN A 116 5.91 -8.65 -43.43
N TYR A 117 4.97 -7.83 -43.92
CA TYR A 117 5.03 -6.40 -43.66
C TYR A 117 4.84 -6.06 -42.19
N GLU A 118 3.91 -6.73 -41.50
CA GLU A 118 3.66 -6.39 -40.10
C GLU A 118 4.89 -6.66 -39.23
N SER A 119 5.52 -7.82 -39.38
CA SER A 119 6.73 -8.12 -38.62
C SER A 119 7.87 -7.19 -39.04
N LYS A 120 7.98 -6.90 -40.33
CA LYS A 120 9.04 -6.01 -40.80
C LYS A 120 8.90 -4.61 -40.20
N VAL A 121 7.68 -4.08 -40.20
CA VAL A 121 7.48 -2.76 -39.60
C VAL A 121 7.74 -2.80 -38.11
N PHE A 122 7.26 -3.85 -37.43
CA PHE A 122 7.48 -3.99 -36.00
C PHE A 122 8.98 -3.99 -35.66
N TYR A 123 9.76 -4.79 -36.40
CA TYR A 123 11.18 -4.91 -36.09
C TYR A 123 11.95 -3.67 -36.53
N LEU A 124 11.56 -3.06 -37.64
CA LEU A 124 12.23 -1.83 -38.07
C LEU A 124 11.92 -0.67 -37.12
N LYS A 125 10.67 -0.59 -36.64
CA LYS A 125 10.35 0.39 -35.61
C LYS A 125 11.20 0.16 -34.37
N MET A 126 11.34 -1.10 -33.96
CA MET A 126 12.19 -1.45 -32.83
C MET A 126 13.64 -1.02 -33.08
N LYS A 127 14.14 -1.25 -34.30
CA LYS A 127 15.48 -0.80 -34.65
C LYS A 127 15.60 0.72 -34.54
N GLY A 128 14.60 1.45 -35.02
CA GLY A 128 14.61 2.89 -34.87
C GLY A 128 14.55 3.31 -33.40
N ASP A 129 13.77 2.59 -32.60
CA ASP A 129 13.65 2.89 -31.17
C ASP A 129 15.00 2.79 -30.48
N TYR A 130 15.72 1.69 -30.69
CA TYR A 130 16.92 1.46 -29.90
C TYR A 130 18.10 2.30 -30.39
N TYR A 131 18.13 2.68 -31.67
CA TYR A 131 19.07 3.71 -32.09
C TYR A 131 18.68 5.07 -31.52
N ARG A 132 17.38 5.33 -31.36
CA ARG A 132 16.95 6.56 -30.70
C ARG A 132 17.41 6.59 -29.24
N TYR A 133 17.35 5.45 -28.55
CA TYR A 133 17.85 5.39 -27.18
C TYR A 133 19.35 5.61 -27.12
N LEU A 134 20.08 5.12 -28.13
CA LEU A 134 21.51 5.43 -28.22
C LEU A 134 21.71 6.93 -28.45
N ALA A 135 20.86 7.54 -29.29
CA ALA A 135 21.00 8.96 -29.58
C ALA A 135 20.67 9.82 -28.37
N GLU A 136 19.83 9.32 -27.46
CA GLU A 136 19.47 10.08 -26.27
C GLU A 136 20.70 10.36 -25.40
N VAL A 137 21.67 9.44 -25.39
CA VAL A 137 22.83 9.56 -24.51
C VAL A 137 24.11 9.87 -25.27
N ALA A 138 24.11 9.83 -26.60
CA ALA A 138 25.34 10.09 -27.32
C ALA A 138 25.60 11.59 -27.38
N THR A 139 26.88 11.95 -27.41
CA THR A 139 27.30 13.34 -27.50
C THR A 139 28.40 13.48 -28.53
N GLY A 140 28.59 14.72 -28.98
CA GLY A 140 29.72 15.02 -29.84
C GLY A 140 29.60 14.34 -31.18
N GLU A 141 30.75 13.87 -31.67
CA GLU A 141 30.84 13.36 -33.04
C GLU A 141 30.10 12.04 -33.23
N LYS A 142 30.11 11.18 -32.21
CA LYS A 142 29.47 9.86 -32.30
C LYS A 142 27.94 9.93 -32.44
N ARG A 143 27.33 11.06 -32.07
CA ARG A 143 25.87 11.16 -32.10
C ARG A 143 25.29 11.06 -33.50
N ALA A 144 25.92 11.70 -34.50
CA ALA A 144 25.32 11.79 -35.82
C ALA A 144 24.98 10.41 -36.42
N THR A 145 25.84 9.41 -36.21
CA THR A 145 25.61 8.14 -36.87
C THR A 145 24.40 7.41 -36.29
N VAL A 146 24.20 7.45 -34.98
CA VAL A 146 23.06 6.74 -34.41
C VAL A 146 21.76 7.48 -34.70
N VAL A 147 21.83 8.81 -34.82
CA VAL A 147 20.66 9.58 -35.26
C VAL A 147 20.28 9.19 -36.68
N GLU A 148 21.28 9.05 -37.56
CA GLU A 148 21.03 8.67 -38.95
C GLU A 148 20.50 7.24 -39.04
N SER A 149 21.05 6.33 -38.23
CA SER A 149 20.55 4.96 -38.25
C SER A 149 19.10 4.89 -37.77
N SER A 150 18.76 5.69 -36.76
CA SER A 150 17.39 5.71 -36.25
C SER A 150 16.41 6.21 -37.31
N GLU A 151 16.74 7.33 -37.95
CA GLU A 151 15.84 7.87 -38.97
C GLU A 151 15.68 6.90 -40.13
N LYS A 152 16.77 6.22 -40.52
CA LYS A 152 16.72 5.28 -41.64
C LYS A 152 15.78 4.11 -41.35
N ALA A 153 15.85 3.56 -40.13
CA ALA A 153 14.97 2.45 -39.77
C ALA A 153 13.52 2.91 -39.71
N TYR A 154 13.26 4.06 -39.07
CA TYR A 154 11.90 4.59 -38.99
C TYR A 154 11.35 4.87 -40.37
N SER A 155 12.17 5.46 -41.25
CA SER A 155 11.70 5.84 -42.57
C SER A 155 11.26 4.62 -43.37
N GLU A 156 12.07 3.55 -43.38
CA GLU A 156 11.68 2.34 -44.09
C GLU A 156 10.43 1.72 -43.49
N ALA A 157 10.34 1.66 -42.16
CA ALA A 157 9.12 1.19 -41.51
C ALA A 157 7.93 2.02 -41.92
N HIS A 158 8.12 3.34 -42.03
CA HIS A 158 7.02 4.24 -42.40
C HIS A 158 6.53 3.97 -43.80
N GLU A 159 7.44 3.75 -44.76
CA GLU A 159 7.05 3.52 -46.14
C GLU A 159 6.29 2.20 -46.29
N ILE A 160 6.74 1.16 -45.59
CA ILE A 160 6.08 -0.14 -45.68
C ILE A 160 4.68 -0.07 -45.06
N SER A 161 4.55 0.53 -43.88
CA SER A 161 3.26 0.57 -43.22
C SER A 161 2.28 1.48 -43.94
N LYS A 162 2.78 2.58 -44.52
CA LYS A 162 1.92 3.49 -45.27
C LYS A 162 1.32 2.80 -46.49
N GLU A 163 2.10 1.92 -47.13
CA GLU A 163 1.63 1.26 -48.34
C GLU A 163 0.76 0.04 -48.03
N HIS A 164 1.07 -0.71 -46.97
CA HIS A 164 0.49 -2.03 -46.79
C HIS A 164 -0.36 -2.22 -45.54
N MET A 165 -0.41 -1.25 -44.63
CA MET A 165 -1.14 -1.44 -43.38
C MET A 165 -2.21 -0.37 -43.22
N GLN A 166 -3.33 -0.77 -42.61
CA GLN A 166 -4.41 0.16 -42.32
C GLN A 166 -3.99 1.22 -41.36
N PRO A 167 -4.47 2.46 -41.48
CA PRO A 167 -4.09 3.54 -40.56
C PRO A 167 -4.43 3.27 -39.10
N THR A 168 -5.42 2.42 -38.83
CA THR A 168 -5.80 2.11 -37.46
C THR A 168 -5.01 0.95 -36.86
N HIS A 169 -4.14 0.32 -37.64
CA HIS A 169 -3.35 -0.79 -37.10
C HIS A 169 -2.43 -0.27 -35.99
N PRO A 170 -2.40 -0.93 -34.82
CA PRO A 170 -1.59 -0.42 -33.71
C PRO A 170 -0.10 -0.32 -34.02
N ILE A 171 0.43 -1.19 -34.87
CA ILE A 171 1.85 -1.12 -35.20
C ILE A 171 2.13 0.10 -36.07
N ARG A 172 1.23 0.41 -37.01
CA ARG A 172 1.39 1.62 -37.82
C ARG A 172 1.23 2.87 -36.97
N LEU A 173 0.26 2.87 -36.05
CA LEU A 173 0.06 4.01 -35.19
C LEU A 173 1.24 4.21 -34.25
N GLY A 174 1.74 3.12 -33.67
CA GLY A 174 2.87 3.23 -32.76
C GLY A 174 4.14 3.66 -33.46
N LEU A 175 4.34 3.21 -34.71
CA LEU A 175 5.47 3.67 -35.50
C LEU A 175 5.42 5.18 -35.66
N ALA A 176 4.26 5.72 -36.06
CA ALA A 176 4.14 7.16 -36.24
C ALA A 176 4.36 7.90 -34.92
N LEU A 177 3.91 7.32 -33.81
CA LEU A 177 4.12 7.94 -32.51
C LEU A 177 5.61 8.07 -32.18
N ASN A 178 6.35 6.97 -32.27
CA ASN A 178 7.76 6.99 -31.92
C ASN A 178 8.58 7.76 -32.95
N TYR A 179 8.19 7.69 -34.22
CA TYR A 179 8.86 8.46 -35.28
C TYR A 179 8.66 9.95 -35.07
N SER A 180 7.46 10.37 -34.67
CA SER A 180 7.24 11.78 -34.38
C SER A 180 8.02 12.23 -33.14
N VAL A 181 8.14 11.34 -32.15
CA VAL A 181 8.95 11.65 -30.98
C VAL A 181 10.43 11.81 -31.37
N PHE A 182 10.91 10.95 -32.27
CA PHE A 182 12.28 11.08 -32.77
C PHE A 182 12.49 12.46 -33.39
N TYR A 183 11.56 12.91 -34.23
CA TYR A 183 11.68 14.23 -34.85
C TYR A 183 11.69 15.35 -33.80
N TYR A 184 10.80 15.27 -32.81
CA TYR A 184 10.71 16.36 -31.84
C TYR A 184 11.90 16.37 -30.90
N GLU A 185 12.22 15.23 -30.29
CA GLU A 185 13.20 15.20 -29.21
C GLU A 185 14.63 15.02 -29.71
N ILE A 186 14.83 14.26 -30.78
CA ILE A 186 16.19 13.99 -31.25
C ILE A 186 16.60 15.00 -32.31
N GLN A 187 15.75 15.25 -33.29
CA GLN A 187 16.07 16.16 -34.37
C GLN A 187 15.69 17.61 -34.08
N ASN A 188 14.99 17.86 -32.96
CA ASN A 188 14.49 19.20 -32.63
C ASN A 188 13.76 19.82 -33.81
N ALA A 189 12.87 19.03 -34.42
CA ALA A 189 12.14 19.43 -35.63
C ALA A 189 10.63 19.37 -35.35
N PRO A 190 10.10 20.39 -34.65
CA PRO A 190 8.69 20.30 -34.24
C PRO A 190 7.70 20.32 -35.39
N GLU A 191 8.00 21.02 -36.49
CA GLU A 191 7.04 21.04 -37.58
C GLU A 191 6.89 19.65 -38.21
N GLN A 192 8.01 18.96 -38.44
CA GLN A 192 7.96 17.61 -38.97
C GLN A 192 7.31 16.65 -37.98
N ALA A 193 7.63 16.79 -36.69
CA ALA A 193 7.03 15.93 -35.68
C ALA A 193 5.52 16.11 -35.63
N CYS A 194 5.05 17.36 -35.64
CA CYS A 194 3.61 17.60 -35.57
C CYS A 194 2.90 17.11 -36.83
N HIS A 195 3.51 17.30 -38.00
CA HIS A 195 2.90 16.86 -39.25
C HIS A 195 2.75 15.34 -39.26
N LEU A 196 3.80 14.62 -38.88
CA LEU A 196 3.75 13.16 -38.87
C LEU A 196 2.70 12.65 -37.89
N ALA A 197 2.67 13.21 -36.67
CA ALA A 197 1.72 12.75 -35.68
C ALA A 197 0.29 13.10 -36.04
N LYS A 198 0.07 14.33 -36.54
CA LYS A 198 -1.29 14.75 -36.87
C LYS A 198 -1.84 13.99 -38.07
N THR A 199 -1.00 13.74 -39.09
CA THR A 199 -1.45 12.97 -40.24
C THR A 199 -1.87 11.56 -39.82
N ALA A 200 -1.03 10.90 -39.02
CA ALA A 200 -1.38 9.56 -38.56
C ALA A 200 -2.63 9.57 -37.69
N PHE A 201 -2.75 10.59 -36.83
CA PHE A 201 -3.94 10.67 -35.99
C PHE A 201 -5.20 10.85 -36.83
N ASP A 202 -5.18 11.81 -37.76
CA ASP A 202 -6.35 12.07 -38.59
C ASP A 202 -6.66 10.91 -39.51
N ASP A 203 -5.62 10.27 -40.08
CA ASP A 203 -5.86 9.11 -40.94
C ASP A 203 -6.52 7.99 -40.18
N ALA A 204 -6.22 7.84 -38.89
CA ALA A 204 -6.86 6.81 -38.10
C ALA A 204 -8.27 7.22 -37.69
N ILE A 205 -8.47 8.51 -37.39
CA ILE A 205 -9.80 8.99 -37.01
C ILE A 205 -10.78 8.76 -38.16
N ALA A 206 -10.32 9.00 -39.39
CA ALA A 206 -11.20 8.88 -40.55
C ALA A 206 -11.75 7.47 -40.70
N GLU A 207 -11.03 6.49 -40.18
CA GLU A 207 -11.39 5.08 -40.30
C GLU A 207 -11.65 4.44 -38.94
N LEU A 208 -12.18 5.20 -37.99
CA LEU A 208 -12.46 4.66 -36.66
C LEU A 208 -13.60 3.65 -36.68
N ASP A 209 -14.48 3.72 -37.67
CA ASP A 209 -15.57 2.75 -37.78
C ASP A 209 -15.06 1.34 -38.07
N THR A 210 -13.81 1.20 -38.52
CA THR A 210 -13.30 -0.12 -38.90
C THR A 210 -12.77 -0.92 -37.72
N LEU A 211 -12.61 -0.32 -36.54
CA LEU A 211 -12.06 -1.07 -35.42
C LEU A 211 -13.12 -1.99 -34.83
N ASN A 212 -12.70 -3.18 -34.42
CA ASN A 212 -13.57 -4.10 -33.70
C ASN A 212 -13.50 -3.86 -32.20
N GLU A 213 -14.28 -4.64 -31.44
CA GLU A 213 -14.28 -4.46 -30.00
C GLU A 213 -12.93 -4.84 -29.38
N ASP A 214 -12.31 -5.89 -29.91
CA ASP A 214 -11.02 -6.34 -29.37
C ASP A 214 -9.87 -5.44 -29.80
N SER A 215 -9.92 -4.93 -31.04
CA SER A 215 -8.84 -4.11 -31.59
C SER A 215 -8.88 -2.66 -31.10
N TYR A 216 -10.06 -2.15 -30.73
CA TYR A 216 -10.23 -0.73 -30.44
C TYR A 216 -9.26 -0.22 -29.38
N LYS A 217 -8.98 -1.02 -28.34
CA LYS A 217 -8.18 -0.51 -27.22
C LYS A 217 -6.72 -0.29 -27.60
N ASP A 218 -6.11 -1.20 -28.35
CA ASP A 218 -4.70 -1.00 -28.72
C ASP A 218 -4.52 0.25 -29.56
N SER A 219 -5.46 0.51 -30.49
CA SER A 219 -5.34 1.65 -31.39
C SER A 219 -5.67 2.97 -30.70
N THR A 220 -6.79 3.00 -29.95
CA THR A 220 -7.19 4.25 -29.31
C THR A 220 -6.22 4.69 -28.22
N LEU A 221 -5.53 3.74 -27.59
CA LEU A 221 -4.51 4.10 -26.61
C LEU A 221 -3.41 4.92 -27.26
N ILE A 222 -2.92 4.45 -28.41
CA ILE A 222 -1.87 5.18 -29.13
C ILE A 222 -2.41 6.49 -29.67
N MET A 223 -3.66 6.50 -30.12
CA MET A 223 -4.26 7.72 -30.63
C MET A 223 -4.36 8.79 -29.56
N GLN A 224 -4.65 8.39 -28.32
CA GLN A 224 -4.63 9.36 -27.22
C GLN A 224 -3.22 9.89 -26.98
N LEU A 225 -2.21 9.02 -27.08
CA LEU A 225 -0.83 9.48 -26.91
C LEU A 225 -0.43 10.44 -28.01
N LEU A 226 -0.86 10.16 -29.25
CA LEU A 226 -0.58 11.09 -30.35
C LEU A 226 -1.17 12.47 -30.05
N ARG A 227 -2.43 12.50 -29.58
CA ARG A 227 -3.05 13.78 -29.24
C ARG A 227 -2.33 14.45 -28.08
N ASP A 228 -1.95 13.68 -27.06
CA ASP A 228 -1.24 14.25 -25.91
C ASP A 228 0.07 14.91 -26.32
N ASN A 229 0.84 14.23 -27.19
CA ASN A 229 2.08 14.85 -27.68
C ASN A 229 1.80 16.11 -28.47
N LEU A 230 0.80 16.07 -29.36
CA LEU A 230 0.46 17.26 -30.15
C LEU A 230 0.03 18.40 -29.25
N THR A 231 -0.75 18.10 -28.21
CA THR A 231 -1.14 19.13 -27.25
C THR A 231 0.08 19.70 -26.54
N LEU A 232 1.00 18.84 -26.13
CA LEU A 232 2.24 19.30 -25.50
C LEU A 232 3.06 20.18 -26.46
N TRP A 233 3.16 19.76 -27.72
CA TRP A 233 4.05 20.43 -28.67
C TRP A 233 3.51 21.75 -29.20
N THR A 234 2.20 21.96 -29.18
CA THR A 234 1.64 23.18 -29.74
C THR A 234 1.25 24.19 -28.65
N ASP B 3 -9.09 22.22 30.31
CA ASP B 3 -7.75 21.68 30.57
C ASP B 3 -7.12 21.24 29.26
N ARG B 4 -6.24 22.09 28.73
CA ARG B 4 -5.68 21.87 27.40
C ARG B 4 -4.95 20.54 27.31
N GLU B 5 -4.13 20.21 28.31
CA GLU B 5 -3.36 18.97 28.26
C GLU B 5 -4.26 17.74 28.24
N GLN B 6 -5.43 17.82 28.85
CA GLN B 6 -6.34 16.68 28.88
C GLN B 6 -7.05 16.49 27.54
N LEU B 7 -7.31 17.58 26.83
CA LEU B 7 -7.89 17.46 25.48
C LEU B 7 -6.90 16.81 24.53
N VAL B 8 -5.61 17.12 24.66
CA VAL B 8 -4.60 16.50 23.80
C VAL B 8 -4.47 15.03 24.14
N GLN B 9 -4.53 14.68 25.41
CA GLN B 9 -4.48 13.26 25.79
C GLN B 9 -5.69 12.50 25.24
N LYS B 10 -6.87 13.12 25.27
CA LYS B 10 -8.04 12.45 24.71
C LYS B 10 -7.90 12.27 23.21
N ALA B 11 -7.31 13.25 22.52
CA ALA B 11 -7.06 13.09 21.09
C ALA B 11 -6.12 11.91 20.83
N ARG B 12 -5.10 11.76 21.67
CA ARG B 12 -4.19 10.62 21.51
C ARG B 12 -4.92 9.32 21.79
N LEU B 13 -5.82 9.33 22.77
CA LEU B 13 -6.60 8.14 23.10
C LEU B 13 -7.57 7.81 21.97
N ALA B 14 -8.26 8.81 21.44
CA ALA B 14 -9.18 8.59 20.32
C ALA B 14 -8.44 8.01 19.12
N GLU B 15 -7.22 8.50 18.85
CA GLU B 15 -6.45 7.95 17.75
C GLU B 15 -6.14 6.47 17.96
N GLN B 16 -5.72 6.10 19.18
CA GLN B 16 -5.44 4.69 19.43
C GLN B 16 -6.69 3.83 19.27
N ALA B 17 -7.84 4.35 19.67
CA ALA B 17 -9.13 3.67 19.51
C ALA B 17 -9.69 3.76 18.11
N GLU B 18 -8.96 4.41 17.19
CA GLU B 18 -9.40 4.60 15.82
C GLU B 18 -10.76 5.26 15.74
N ARG B 19 -10.99 6.25 16.61
CA ARG B 19 -12.20 7.04 16.61
C ARG B 19 -11.81 8.46 16.18
N TYR B 20 -11.74 8.66 14.87
CA TYR B 20 -11.16 9.89 14.35
C TYR B 20 -12.12 11.06 14.42
N ASP B 21 -13.43 10.81 14.41
CA ASP B 21 -14.37 11.90 14.69
C ASP B 21 -14.14 12.48 16.08
N ASP B 22 -14.01 11.62 17.09
CA ASP B 22 -13.70 12.10 18.44
C ASP B 22 -12.36 12.81 18.48
N MET B 23 -11.35 12.27 17.79
CA MET B 23 -10.02 12.88 17.79
C MET B 23 -10.07 14.29 17.24
N ALA B 24 -10.83 14.49 16.15
CA ALA B 24 -10.97 15.81 15.56
C ALA B 24 -11.75 16.75 16.48
N ALA B 25 -12.78 16.22 17.15
CA ALA B 25 -13.55 17.03 18.09
C ALA B 25 -12.65 17.54 19.22
N ALA B 26 -11.75 16.69 19.71
CA ALA B 26 -10.86 17.12 20.78
C ALA B 26 -9.88 18.18 20.29
N MET B 27 -9.28 17.97 19.10
CA MET B 27 -8.32 18.95 18.59
C MET B 27 -9.01 20.22 18.12
N LYS B 28 -10.27 20.12 17.67
CA LYS B 28 -11.04 21.33 17.45
C LYS B 28 -11.19 22.13 18.74
N ASN B 29 -11.46 21.43 19.85
CA ASN B 29 -11.54 22.11 21.14
C ASN B 29 -10.23 22.78 21.50
N VAL B 30 -9.10 22.09 21.28
CA VAL B 30 -7.79 22.67 21.55
C VAL B 30 -7.60 23.94 20.71
N THR B 31 -7.96 23.87 19.43
CA THR B 31 -7.81 25.02 18.55
C THR B 31 -8.66 26.19 19.01
N GLU B 32 -9.87 25.93 19.48
CA GLU B 32 -10.78 27.00 19.89
C GLU B 32 -10.35 27.65 21.19
N LEU B 33 -9.32 27.12 21.87
CA LEU B 33 -8.71 27.85 22.97
C LEU B 33 -7.96 29.10 22.50
N ASN B 34 -7.81 29.27 21.18
CA ASN B 34 -7.34 30.51 20.58
C ASN B 34 -5.88 30.84 20.91
N GLU B 35 -5.08 29.82 21.18
CA GLU B 35 -3.62 29.96 21.33
C GLU B 35 -2.92 29.25 20.18
N PRO B 36 -1.70 29.66 19.82
CA PRO B 36 -0.98 28.94 18.75
C PRO B 36 -0.77 27.49 19.14
N LEU B 37 -0.84 26.60 18.16
CA LEU B 37 -0.66 25.19 18.41
C LEU B 37 0.81 24.83 18.38
N SER B 38 1.23 23.98 19.32
CA SER B 38 2.55 23.38 19.22
C SER B 38 2.62 22.48 17.99
N ASN B 39 3.85 22.09 17.63
CA ASN B 39 4.01 21.18 16.50
C ASN B 39 3.30 19.86 16.75
N GLU B 40 3.29 19.40 18.01
CA GLU B 40 2.60 18.16 18.36
C GLU B 40 1.10 18.31 18.21
N GLU B 41 0.54 19.42 18.70
CA GLU B 41 -0.89 19.67 18.57
C GLU B 41 -1.28 19.89 17.11
N ARG B 42 -0.43 20.59 16.36
CA ARG B 42 -0.71 20.81 14.94
C ARG B 42 -0.80 19.49 14.18
N ASN B 43 0.10 18.56 14.50
CA ASN B 43 0.12 17.25 13.85
C ASN B 43 -1.11 16.41 14.21
N LEU B 44 -1.48 16.42 15.49
CA LEU B 44 -2.68 15.69 15.91
C LEU B 44 -3.93 16.24 15.23
N LEU B 45 -4.05 17.57 15.14
CA LEU B 45 -5.19 18.15 14.45
C LEU B 45 -5.22 17.71 12.99
N SER B 46 -4.07 17.79 12.32
CA SER B 46 -4.00 17.43 10.90
C SER B 46 -4.29 15.94 10.69
N VAL B 47 -3.74 15.08 11.54
CA VAL B 47 -3.99 13.64 11.41
C VAL B 47 -5.47 13.33 11.58
N ALA B 48 -6.10 13.94 12.60
CA ALA B 48 -7.51 13.69 12.86
C ALA B 48 -8.38 14.04 11.66
N TYR B 49 -8.28 15.29 11.19
CA TYR B 49 -9.17 15.70 10.11
C TYR B 49 -8.80 15.03 8.79
N LYS B 50 -7.53 14.68 8.59
CA LYS B 50 -7.15 13.90 7.42
C LYS B 50 -7.87 12.56 7.40
N ASN B 51 -7.97 11.90 8.55
CA ASN B 51 -8.65 10.61 8.60
C ASN B 51 -10.16 10.78 8.47
N VAL B 52 -10.72 11.84 9.05
CA VAL B 52 -12.15 12.08 8.95
C VAL B 52 -12.55 12.36 7.51
N VAL B 53 -11.87 13.30 6.87
CA VAL B 53 -12.22 13.64 5.49
C VAL B 53 -11.82 12.52 4.53
N GLY B 54 -10.76 11.77 4.86
CA GLY B 54 -10.31 10.71 3.98
C GLY B 54 -11.31 9.57 3.86
N ALA B 55 -12.01 9.27 4.96
CA ALA B 55 -13.04 8.24 4.91
C ALA B 55 -14.19 8.64 4.00
N ARG B 56 -14.60 9.92 4.04
CA ARG B 56 -15.64 10.37 3.12
C ARG B 56 -15.14 10.42 1.68
N ARG B 57 -13.89 10.85 1.47
CA ARG B 57 -13.34 10.88 0.12
C ARG B 57 -13.29 9.48 -0.47
N SER B 58 -12.86 8.50 0.32
CA SER B 58 -12.81 7.13 -0.17
C SER B 58 -14.21 6.61 -0.47
N SER B 59 -15.16 6.87 0.44
CA SER B 59 -16.53 6.44 0.21
C SER B 59 -17.12 7.11 -1.02
N TRP B 60 -16.85 8.41 -1.18
CA TRP B 60 -17.37 9.12 -2.35
C TRP B 60 -16.85 8.53 -3.64
N ARG B 61 -15.56 8.16 -3.68
CA ARG B 61 -15.00 7.62 -4.92
C ARG B 61 -15.57 6.24 -5.24
N VAL B 62 -15.85 5.43 -4.21
CA VAL B 62 -16.46 4.13 -4.47
C VAL B 62 -17.84 4.31 -5.08
N ILE B 63 -18.65 5.19 -4.48
CA ILE B 63 -20.01 5.41 -4.97
C ILE B 63 -20.01 6.07 -6.34
N SER B 64 -19.14 7.08 -6.52
CA SER B 64 -19.07 7.77 -7.80
C SER B 64 -18.64 6.82 -8.92
N SER B 65 -17.73 5.90 -8.61
CA SER B 65 -17.34 4.89 -9.60
C SER B 65 -18.52 3.99 -9.93
N ILE B 66 -19.32 3.63 -8.93
CA ILE B 66 -20.53 2.85 -9.17
C ILE B 66 -21.52 3.66 -10.00
N GLU B 67 -21.61 4.97 -9.74
CA GLU B 67 -22.51 5.83 -10.50
C GLU B 67 -22.13 5.85 -11.98
N GLN B 68 -20.84 6.04 -12.28
CA GLN B 68 -20.37 6.02 -13.65
C GLN B 68 -20.25 4.61 -14.22
N LYS B 69 -20.65 3.59 -13.48
CA LYS B 69 -20.67 2.22 -13.95
C LYS B 69 -22.06 1.60 -13.90
N THR B 70 -23.07 2.36 -13.53
CA THR B 70 -24.43 1.83 -13.36
C THR B 70 -25.46 2.94 -13.54
N LYS B 78 -33.19 3.09 -10.43
CA LYS B 78 -32.07 2.49 -9.72
C LYS B 78 -30.89 3.46 -9.65
N ILE B 79 -30.69 4.21 -10.73
CA ILE B 79 -29.63 5.21 -10.77
C ILE B 79 -29.89 6.30 -9.73
N GLU B 80 -31.15 6.66 -9.54
CA GLU B 80 -31.48 7.76 -8.63
C GLU B 80 -31.06 7.45 -7.20
N MET B 81 -31.17 6.20 -6.78
CA MET B 81 -30.74 5.84 -5.42
C MET B 81 -29.23 6.01 -5.26
N VAL B 82 -28.46 5.59 -6.28
CA VAL B 82 -27.00 5.73 -6.21
C VAL B 82 -26.61 7.20 -6.16
N ARG B 83 -27.24 8.03 -7.00
CA ARG B 83 -26.91 9.44 -7.02
C ARG B 83 -27.31 10.13 -5.73
N ALA B 84 -28.44 9.73 -5.15
CA ALA B 84 -28.86 10.31 -3.87
C ALA B 84 -27.93 9.89 -2.73
N TYR B 85 -27.38 8.67 -2.79
CA TYR B 85 -26.41 8.26 -1.78
C TYR B 85 -25.10 9.00 -1.94
N ARG B 86 -24.64 9.17 -3.18
CA ARG B 86 -23.44 9.97 -3.42
C ARG B 86 -23.60 11.39 -2.87
N GLU B 87 -24.77 12.00 -3.08
CA GLU B 87 -24.99 13.36 -2.59
C GLU B 87 -24.98 13.40 -1.07
N LYS B 88 -25.52 12.38 -0.41
CA LYS B 88 -25.47 12.32 1.05
C LYS B 88 -24.02 12.31 1.53
N ILE B 89 -23.18 11.49 0.89
CA ILE B 89 -21.77 11.45 1.25
C ILE B 89 -21.12 12.80 0.93
N GLU B 90 -21.50 13.41 -0.19
CA GLU B 90 -20.97 14.72 -0.57
C GLU B 90 -21.25 15.76 0.51
N LYS B 91 -22.47 15.79 1.03
CA LYS B 91 -22.81 16.80 2.03
C LYS B 91 -22.02 16.60 3.32
N GLU B 92 -21.79 15.35 3.71
CA GLU B 92 -20.94 15.08 4.88
C GLU B 92 -19.52 15.56 4.64
N LEU B 93 -18.96 15.24 3.46
CA LEU B 93 -17.60 15.66 3.14
C LEU B 93 -17.50 17.18 3.13
N GLU B 94 -18.49 17.85 2.55
CA GLU B 94 -18.45 19.31 2.49
C GLU B 94 -18.54 19.92 3.88
N ALA B 95 -19.31 19.31 4.78
CA ALA B 95 -19.41 19.81 6.14
C ALA B 95 -18.09 19.67 6.88
N VAL B 96 -17.36 18.57 6.66
CA VAL B 96 -16.05 18.39 7.27
C VAL B 96 -15.08 19.45 6.77
N CYS B 97 -15.07 19.66 5.44
CA CYS B 97 -14.17 20.67 4.87
C CYS B 97 -14.49 22.06 5.39
N GLN B 98 -15.78 22.40 5.50
CA GLN B 98 -16.13 23.72 6.01
C GLN B 98 -15.70 23.89 7.45
N ASP B 99 -15.78 22.80 8.23
CA ASP B 99 -15.31 22.85 9.62
C ASP B 99 -13.82 23.15 9.68
N VAL B 100 -13.03 22.45 8.86
CA VAL B 100 -11.58 22.67 8.84
C VAL B 100 -11.28 24.09 8.36
N LEU B 101 -11.94 24.52 7.28
CA LEU B 101 -11.67 25.83 6.73
C LEU B 101 -12.03 26.95 7.70
N SER B 102 -13.07 26.76 8.50
CA SER B 102 -13.40 27.75 9.52
C SER B 102 -12.34 27.81 10.62
N LEU B 103 -11.83 26.65 11.05
CA LEU B 103 -10.76 26.65 12.03
C LEU B 103 -9.52 27.35 11.48
N LEU B 104 -9.21 27.12 10.20
CA LEU B 104 -8.03 27.74 9.59
C LEU B 104 -8.19 29.24 9.52
N ASP B 105 -9.36 29.72 9.09
CA ASP B 105 -9.55 31.15 8.88
C ASP B 105 -9.76 31.90 10.19
N ASN B 106 -10.38 31.29 11.18
CA ASN B 106 -10.70 32.00 12.41
C ASN B 106 -9.65 31.85 13.50
N TYR B 107 -8.91 30.74 13.53
CA TYR B 107 -7.93 30.51 14.59
C TYR B 107 -6.52 30.28 14.08
N LEU B 108 -6.31 29.33 13.17
CA LEU B 108 -4.98 28.79 12.93
C LEU B 108 -4.10 29.76 12.15
N ILE B 109 -4.58 30.20 10.97
CA ILE B 109 -3.85 31.21 10.22
C ILE B 109 -3.78 32.50 11.01
N LYS B 110 -4.88 32.86 11.70
CA LYS B 110 -4.95 34.12 12.42
C LYS B 110 -3.89 34.20 13.52
N ASN B 111 -3.68 33.09 14.26
CA ASN B 111 -2.77 33.10 15.39
C ASN B 111 -1.31 32.90 15.01
N CYS B 112 -0.99 32.92 13.72
CA CYS B 112 0.40 32.81 13.30
C CYS B 112 1.05 34.17 13.51
N SER B 113 2.14 34.21 14.27
CA SER B 113 2.86 35.47 14.41
C SER B 113 3.53 35.81 13.08
N GLU B 114 4.02 37.06 12.98
CA GLU B 114 4.51 37.54 11.69
C GLU B 114 5.70 36.75 11.18
N THR B 115 6.51 36.20 12.07
CA THR B 115 7.73 35.48 11.70
C THR B 115 7.54 33.96 11.74
N GLN B 116 6.33 33.47 11.96
CA GLN B 116 6.08 32.03 12.00
C GLN B 116 5.71 31.51 10.61
N TYR B 117 6.68 31.61 9.70
CA TYR B 117 6.44 31.28 8.30
C TYR B 117 6.17 29.79 8.10
N GLU B 118 6.83 28.93 8.89
CA GLU B 118 6.60 27.49 8.76
C GLU B 118 5.14 27.15 9.05
N SER B 119 4.59 27.72 10.11
CA SER B 119 3.17 27.51 10.42
C SER B 119 2.28 28.12 9.35
N LYS B 120 2.65 29.31 8.83
CA LYS B 120 1.84 29.94 7.80
C LYS B 120 1.76 29.07 6.56
N VAL B 121 2.89 28.50 6.13
CA VAL B 121 2.87 27.63 4.96
C VAL B 121 2.06 26.38 5.25
N PHE B 122 2.24 25.79 6.44
CA PHE B 122 1.50 24.58 6.80
C PHE B 122 0.00 24.81 6.70
N TYR B 123 -0.50 25.91 7.29
CA TYR B 123 -1.93 26.14 7.34
C TYR B 123 -2.47 26.60 5.99
N LEU B 124 -1.72 27.40 5.24
CA LEU B 124 -2.19 27.81 3.92
C LEU B 124 -2.23 26.62 2.96
N LYS B 125 -1.24 25.74 3.04
CA LYS B 125 -1.30 24.48 2.29
C LYS B 125 -2.52 23.68 2.69
N MET B 126 -2.78 23.58 4.00
CA MET B 126 -3.97 22.91 4.49
C MET B 126 -5.23 23.54 3.93
N LYS B 127 -5.29 24.87 3.90
CA LYS B 127 -6.43 25.56 3.31
C LYS B 127 -6.58 25.20 1.84
N GLY B 128 -5.46 25.14 1.11
CA GLY B 128 -5.53 24.72 -0.28
C GLY B 128 -5.98 23.28 -0.43
N ASP B 129 -5.54 22.41 0.49
CA ASP B 129 -5.93 21.00 0.46
C ASP B 129 -7.45 20.86 0.60
N TYR B 130 -8.03 21.53 1.59
CA TYR B 130 -9.44 21.28 1.88
C TYR B 130 -10.36 21.98 0.90
N TYR B 131 -9.94 23.08 0.29
CA TYR B 131 -10.68 23.59 -0.86
C TYR B 131 -10.53 22.66 -2.06
N ARG B 132 -9.37 22.01 -2.21
CA ARG B 132 -9.20 21.02 -3.27
C ARG B 132 -10.14 19.82 -3.06
N TYR B 133 -10.31 19.40 -1.81
CA TYR B 133 -11.25 18.30 -1.55
C TYR B 133 -12.68 18.71 -1.87
N LEU B 134 -13.05 19.98 -1.64
CA LEU B 134 -14.35 20.46 -2.08
C LEU B 134 -14.47 20.45 -3.60
N ALA B 135 -13.39 20.83 -4.29
CA ALA B 135 -13.42 20.87 -5.76
C ALA B 135 -13.53 19.47 -6.35
N GLU B 136 -13.09 18.44 -5.63
CA GLU B 136 -13.19 17.08 -6.14
C GLU B 136 -14.63 16.66 -6.37
N VAL B 137 -15.57 17.19 -5.58
CA VAL B 137 -16.97 16.77 -5.67
C VAL B 137 -17.89 17.86 -6.23
N ALA B 138 -17.39 19.08 -6.39
CA ALA B 138 -18.20 20.19 -6.88
C ALA B 138 -18.30 20.16 -8.41
N THR B 139 -19.37 20.76 -8.91
CA THR B 139 -19.56 20.94 -10.35
C THR B 139 -19.98 22.37 -10.64
N GLY B 140 -19.81 22.76 -11.90
CA GLY B 140 -20.38 24.02 -12.37
C GLY B 140 -19.77 25.24 -11.71
N GLU B 141 -20.63 26.20 -11.39
CA GLU B 141 -20.15 27.46 -10.82
C GLU B 141 -19.59 27.26 -9.42
N LYS B 142 -20.19 26.36 -8.64
CA LYS B 142 -19.67 26.11 -7.30
C LYS B 142 -18.28 25.51 -7.37
N ARG B 143 -17.99 24.71 -8.40
CA ARG B 143 -16.65 24.15 -8.55
C ARG B 143 -15.64 25.25 -8.85
N ALA B 144 -15.98 26.15 -9.77
CA ALA B 144 -15.05 27.20 -10.15
C ALA B 144 -14.65 28.04 -8.94
N THR B 145 -15.60 28.24 -8.01
CA THR B 145 -15.33 29.10 -6.87
C THR B 145 -14.34 28.45 -5.90
N VAL B 146 -14.52 27.15 -5.60
CA VAL B 146 -13.60 26.52 -4.68
C VAL B 146 -12.25 26.22 -5.34
N VAL B 147 -12.24 26.01 -6.67
CA VAL B 147 -10.98 25.86 -7.38
C VAL B 147 -10.14 27.12 -7.25
N GLU B 148 -10.79 28.28 -7.38
CA GLU B 148 -10.06 29.54 -7.24
C GLU B 148 -9.58 29.75 -5.81
N SER B 149 -10.40 29.40 -4.81
CA SER B 149 -9.98 29.51 -3.42
C SER B 149 -8.80 28.60 -3.12
N SER B 150 -8.82 27.38 -3.69
CA SER B 150 -7.72 26.44 -3.48
C SER B 150 -6.43 26.99 -4.07
N GLU B 151 -6.48 27.47 -5.31
CA GLU B 151 -5.28 28.00 -5.96
C GLU B 151 -4.76 29.22 -5.22
N LYS B 152 -5.66 30.08 -4.72
CA LYS B 152 -5.23 31.28 -4.03
C LYS B 152 -4.49 30.93 -2.74
N ALA B 153 -4.98 29.94 -2.01
CA ALA B 153 -4.31 29.51 -0.79
C ALA B 153 -2.95 28.87 -1.11
N TYR B 154 -2.92 27.96 -2.08
CA TYR B 154 -1.66 27.33 -2.46
C TYR B 154 -0.64 28.37 -2.90
N SER B 155 -1.09 29.35 -3.69
CA SER B 155 -0.18 30.36 -4.19
C SER B 155 0.43 31.18 -3.05
N GLU B 156 -0.41 31.60 -2.11
CA GLU B 156 0.11 32.36 -0.97
C GLU B 156 1.09 31.54 -0.15
N ALA B 157 0.78 30.26 0.10
CA ALA B 157 1.72 29.37 0.75
C ALA B 157 3.02 29.26 -0.04
N HIS B 158 2.91 29.18 -1.36
CA HIS B 158 4.08 29.00 -2.22
C HIS B 158 5.01 30.22 -2.16
N GLU B 159 4.43 31.42 -2.14
CA GLU B 159 5.26 32.63 -2.09
C GLU B 159 6.00 32.73 -0.76
N ILE B 160 5.33 32.39 0.34
CA ILE B 160 5.98 32.41 1.65
C ILE B 160 7.08 31.35 1.71
N SER B 161 6.80 30.16 1.21
CA SER B 161 7.76 29.06 1.27
C SER B 161 8.99 29.33 0.41
N LYS B 162 8.80 29.91 -0.77
CA LYS B 162 9.93 30.26 -1.61
C LYS B 162 10.81 31.31 -0.95
N GLU B 163 10.19 32.23 -0.21
CA GLU B 163 10.96 33.33 0.37
C GLU B 163 11.74 32.88 1.61
N HIS B 164 11.16 32.00 2.43
CA HIS B 164 11.71 31.76 3.76
C HIS B 164 12.19 30.34 4.05
N MET B 165 11.92 29.37 3.18
CA MET B 165 12.24 27.98 3.49
C MET B 165 13.21 27.41 2.47
N GLN B 166 14.12 26.57 2.94
CA GLN B 166 15.05 25.86 2.07
C GLN B 166 14.30 24.84 1.20
N PRO B 167 14.77 24.60 -0.03
CA PRO B 167 14.08 23.65 -0.90
C PRO B 167 13.97 22.23 -0.34
N THR B 168 14.82 21.84 0.60
CA THR B 168 14.73 20.50 1.18
C THR B 168 13.75 20.42 2.34
N HIS B 169 13.18 21.54 2.76
CA HIS B 169 12.26 21.51 3.89
C HIS B 169 11.03 20.67 3.53
N PRO B 170 10.64 19.73 4.39
CA PRO B 170 9.51 18.85 4.04
C PRO B 170 8.20 19.57 3.79
N ILE B 171 7.96 20.69 4.48
CA ILE B 171 6.72 21.43 4.26
C ILE B 171 6.75 22.14 2.91
N ARG B 172 7.92 22.65 2.50
CA ARG B 172 8.04 23.24 1.17
C ARG B 172 7.90 22.16 0.10
N LEU B 173 8.49 20.98 0.35
CA LEU B 173 8.35 19.87 -0.58
C LEU B 173 6.91 19.36 -0.62
N GLY B 174 6.29 19.24 0.55
CA GLY B 174 4.91 18.75 0.60
C GLY B 174 3.93 19.70 -0.03
N LEU B 175 4.17 21.01 0.12
CA LEU B 175 3.36 22.00 -0.58
C LEU B 175 3.45 21.81 -2.09
N ALA B 176 4.66 21.64 -2.61
CA ALA B 176 4.83 21.45 -4.04
C ALA B 176 4.14 20.19 -4.52
N LEU B 177 4.17 19.13 -3.70
CA LEU B 177 3.50 17.90 -4.06
C LEU B 177 1.99 18.11 -4.20
N ASN B 178 1.36 18.68 -3.18
CA ASN B 178 -0.09 18.84 -3.23
C ASN B 178 -0.51 19.90 -4.24
N TYR B 179 0.28 20.98 -4.35
CA TYR B 179 -0.02 22.03 -5.32
C TYR B 179 0.06 21.49 -6.75
N SER B 180 1.06 20.65 -7.03
CA SER B 180 1.16 20.06 -8.36
C SER B 180 0.00 19.09 -8.62
N VAL B 181 -0.45 18.38 -7.58
CA VAL B 181 -1.61 17.50 -7.71
C VAL B 181 -2.85 18.32 -8.05
N PHE B 182 -2.98 19.49 -7.42
CA PHE B 182 -4.07 20.41 -7.75
C PHE B 182 -4.05 20.77 -9.23
N TYR B 183 -2.87 21.12 -9.77
CA TYR B 183 -2.78 21.46 -11.18
C TYR B 183 -3.17 20.26 -12.06
N TYR B 184 -2.66 19.08 -11.74
CA TYR B 184 -2.90 17.93 -12.61
C TYR B 184 -4.35 17.46 -12.53
N GLU B 185 -4.85 17.24 -11.33
CA GLU B 185 -6.15 16.58 -11.14
C GLU B 185 -7.31 17.55 -11.15
N ILE B 186 -7.13 18.76 -10.62
CA ILE B 186 -8.22 19.71 -10.50
C ILE B 186 -8.27 20.66 -11.68
N GLN B 187 -7.14 21.27 -12.04
CA GLN B 187 -7.11 22.22 -13.14
C GLN B 187 -6.89 21.58 -14.50
N ASN B 188 -6.60 20.28 -14.55
CA ASN B 188 -6.27 19.58 -15.79
C ASN B 188 -5.19 20.34 -16.56
N ALA B 189 -4.14 20.74 -15.83
CA ALA B 189 -3.03 21.50 -16.37
C ALA B 189 -1.77 20.69 -16.12
N PRO B 190 -1.56 19.62 -16.90
CA PRO B 190 -0.43 18.71 -16.59
C PRO B 190 0.93 19.36 -16.75
N GLU B 191 1.07 20.31 -17.68
CA GLU B 191 2.36 20.99 -17.86
C GLU B 191 2.72 21.83 -16.64
N GLN B 192 1.76 22.58 -16.09
CA GLN B 192 2.04 23.33 -14.87
C GLN B 192 2.34 22.38 -13.72
N ALA B 193 1.60 21.27 -13.64
CA ALA B 193 1.83 20.29 -12.59
C ALA B 193 3.24 19.72 -12.70
N CYS B 194 3.65 19.33 -13.90
CA CYS B 194 4.97 18.72 -14.09
C CYS B 194 6.09 19.72 -13.80
N HIS B 195 5.92 20.97 -14.23
CA HIS B 195 6.93 21.99 -13.96
C HIS B 195 7.12 22.20 -12.47
N LEU B 196 6.02 22.32 -11.74
CA LEU B 196 6.08 22.57 -10.30
C LEU B 196 6.76 21.41 -9.56
N ALA B 197 6.36 20.17 -9.87
CA ALA B 197 6.92 19.03 -9.17
C ALA B 197 8.40 18.81 -9.52
N LYS B 198 8.75 18.98 -10.79
CA LYS B 198 10.15 18.75 -11.17
C LYS B 198 11.05 19.84 -10.61
N THR B 199 10.58 21.09 -10.60
CA THR B 199 11.38 22.17 -10.04
C THR B 199 11.66 21.93 -8.56
N ALA B 200 10.63 21.55 -7.81
CA ALA B 200 10.83 21.27 -6.39
C ALA B 200 11.77 20.09 -6.18
N PHE B 201 11.63 19.04 -6.98
CA PHE B 201 12.50 17.87 -6.84
C PHE B 201 13.96 18.25 -7.12
N ASP B 202 14.20 18.92 -8.25
CA ASP B 202 15.56 19.27 -8.63
C ASP B 202 16.20 20.26 -7.66
N ASP B 203 15.43 21.23 -7.17
CA ASP B 203 15.96 22.19 -6.20
C ASP B 203 16.33 21.52 -4.87
N ALA B 204 15.63 20.45 -4.49
CA ALA B 204 15.94 19.74 -3.25
C ALA B 204 17.17 18.86 -3.36
N ILE B 205 17.45 18.34 -4.55
CA ILE B 205 18.62 17.47 -4.76
C ILE B 205 19.91 18.17 -4.34
N ALA B 206 19.99 19.48 -4.54
CA ALA B 206 21.24 20.19 -4.31
C ALA B 206 21.75 20.06 -2.87
N GLU B 207 20.87 19.86 -1.90
CA GLU B 207 21.29 19.81 -0.50
C GLU B 207 20.95 18.49 0.21
N LEU B 208 20.91 17.37 -0.52
CA LEU B 208 20.59 16.11 0.14
C LEU B 208 21.73 15.61 1.02
N ASP B 209 22.98 15.94 0.66
CA ASP B 209 24.12 15.49 1.47
C ASP B 209 24.19 16.16 2.84
N THR B 210 23.54 17.31 3.02
CA THR B 210 23.64 18.07 4.25
C THR B 210 22.64 17.63 5.33
N LEU B 211 21.66 16.81 4.96
CA LEU B 211 20.63 16.42 5.90
C LEU B 211 21.12 15.35 6.87
N ASN B 212 20.58 15.37 8.08
CA ASN B 212 20.83 14.28 9.00
C ASN B 212 19.85 13.15 8.69
N GLU B 213 19.93 12.06 9.45
CA GLU B 213 19.13 10.89 9.12
C GLU B 213 17.64 11.18 9.22
N ASP B 214 17.23 12.00 10.19
CA ASP B 214 15.80 12.27 10.35
C ASP B 214 15.26 13.14 9.23
N SER B 215 16.05 14.14 8.79
CA SER B 215 15.58 14.99 7.70
C SER B 215 15.72 14.32 6.36
N TYR B 216 16.75 13.48 6.20
CA TYR B 216 16.93 12.76 4.94
C TYR B 216 15.72 11.89 4.67
N LYS B 217 15.18 11.26 5.71
CA LYS B 217 14.08 10.31 5.56
C LYS B 217 12.78 11.05 5.21
N ASP B 218 12.49 12.14 5.91
CA ASP B 218 11.26 12.89 5.63
C ASP B 218 11.30 13.52 4.23
N SER B 219 12.45 14.08 3.85
CA SER B 219 12.54 14.77 2.57
C SER B 219 12.55 13.80 1.40
N THR B 220 13.35 12.74 1.50
CA THR B 220 13.40 11.77 0.40
C THR B 220 12.07 11.05 0.22
N LEU B 221 11.29 10.90 1.30
CA LEU B 221 9.97 10.29 1.16
C LEU B 221 9.08 11.13 0.26
N ILE B 222 9.02 12.44 0.50
CA ILE B 222 8.21 13.31 -0.35
C ILE B 222 8.80 13.39 -1.75
N MET B 223 10.13 13.35 -1.87
CA MET B 223 10.76 13.36 -3.19
C MET B 223 10.38 12.12 -3.98
N GLN B 224 10.25 10.97 -3.31
CA GLN B 224 9.78 9.77 -3.98
C GLN B 224 8.36 9.94 -4.49
N LEU B 225 7.50 10.61 -3.72
CA LEU B 225 6.13 10.83 -4.17
C LEU B 225 6.09 11.78 -5.35
N LEU B 226 6.92 12.82 -5.33
CA LEU B 226 7.04 13.71 -6.48
C LEU B 226 7.50 12.94 -7.71
N ARG B 227 8.53 12.11 -7.56
CA ARG B 227 9.01 11.33 -8.68
C ARG B 227 7.97 10.33 -9.16
N ASP B 228 7.27 9.67 -8.23
CA ASP B 228 6.23 8.73 -8.61
C ASP B 228 5.13 9.41 -9.42
N ASN B 229 4.72 10.61 -8.99
CA ASN B 229 3.71 11.36 -9.74
C ASN B 229 4.21 11.73 -11.13
N LEU B 230 5.46 12.19 -11.23
CA LEU B 230 5.99 12.61 -12.52
C LEU B 230 6.02 11.46 -13.52
N THR B 231 6.41 10.26 -13.07
CA THR B 231 6.38 9.10 -13.96
C THR B 231 4.95 8.74 -14.36
N LEU B 232 4.01 8.78 -13.41
CA LEU B 232 2.61 8.51 -13.73
C LEU B 232 2.09 9.49 -14.77
N TRP B 233 2.45 10.77 -14.63
CA TRP B 233 1.92 11.80 -15.52
C TRP B 233 2.54 11.75 -16.91
N THR B 234 3.71 11.13 -17.06
CA THR B 234 4.40 11.05 -18.34
C THR B 234 4.19 9.68 -19.00
N ASP C 3 37.38 7.83 -1.92
CA ASP C 3 37.20 8.48 -0.62
C ASP C 3 35.86 8.12 0.00
N ARG C 4 35.84 8.00 1.32
CA ARG C 4 34.66 7.56 2.04
C ARG C 4 33.45 8.44 1.74
N GLU C 5 33.65 9.76 1.73
CA GLU C 5 32.54 10.68 1.47
C GLU C 5 31.96 10.48 0.07
N GLN C 6 32.78 10.07 -0.90
CA GLN C 6 32.28 9.84 -2.25
C GLN C 6 31.55 8.51 -2.37
N LEU C 7 31.94 7.50 -1.60
CA LEU C 7 31.19 6.25 -1.58
C LEU C 7 29.82 6.45 -0.98
N VAL C 8 29.70 7.28 0.06
CA VAL C 8 28.40 7.57 0.65
C VAL C 8 27.56 8.41 -0.31
N GLN C 9 28.19 9.35 -1.01
CA GLN C 9 27.47 10.09 -2.04
C GLN C 9 27.02 9.15 -3.16
N LYS C 10 27.86 8.18 -3.51
CA LYS C 10 27.50 7.20 -4.53
C LYS C 10 26.28 6.38 -4.10
N ALA C 11 26.21 6.03 -2.82
CA ALA C 11 25.05 5.30 -2.32
C ALA C 11 23.78 6.14 -2.44
N ARG C 12 23.88 7.44 -2.13
CA ARG C 12 22.72 8.32 -2.29
C ARG C 12 22.35 8.49 -3.75
N LEU C 13 23.35 8.56 -4.64
CA LEU C 13 23.06 8.69 -6.06
C LEU C 13 22.40 7.42 -6.60
N ALA C 14 22.94 6.26 -6.21
CA ALA C 14 22.37 4.98 -6.62
C ALA C 14 20.93 4.83 -6.11
N GLU C 15 20.64 5.33 -4.92
CA GLU C 15 19.28 5.30 -4.41
C GLU C 15 18.34 6.13 -5.29
N GLN C 16 18.75 7.36 -5.63
CA GLN C 16 17.91 8.19 -6.48
C GLN C 16 17.71 7.52 -7.84
N ALA C 17 18.74 6.84 -8.34
CA ALA C 17 18.67 6.12 -9.60
C ALA C 17 17.98 4.77 -9.46
N GLU C 18 17.51 4.43 -8.26
CA GLU C 18 16.85 3.15 -7.97
C GLU C 18 17.70 1.96 -8.40
N ARG C 19 19.01 2.06 -8.14
CA ARG C 19 19.94 0.97 -8.41
C ARG C 19 20.46 0.46 -7.07
N TYR C 20 19.69 -0.43 -6.46
CA TYR C 20 19.95 -0.80 -5.08
C TYR C 20 21.09 -1.80 -4.94
N ASP C 21 21.37 -2.60 -5.98
CA ASP C 21 22.58 -3.42 -5.96
C ASP C 21 23.83 -2.53 -5.86
N ASP C 22 23.90 -1.47 -6.67
CA ASP C 22 25.00 -0.52 -6.58
C ASP C 22 25.03 0.15 -5.21
N MET C 23 23.86 0.50 -4.69
CA MET C 23 23.79 1.18 -3.39
C MET C 23 24.34 0.29 -2.29
N ALA C 24 23.98 -0.99 -2.29
CA ALA C 24 24.49 -1.91 -1.29
C ALA C 24 25.98 -2.13 -1.46
N ALA C 25 26.46 -2.22 -2.70
CA ALA C 25 27.89 -2.37 -2.94
C ALA C 25 28.66 -1.18 -2.39
N ALA C 26 28.12 0.04 -2.55
CA ALA C 26 28.81 1.23 -2.04
C ALA C 26 28.89 1.21 -0.52
N MET C 27 27.77 0.88 0.14
CA MET C 27 27.77 0.88 1.60
C MET C 27 28.51 -0.32 2.16
N LYS C 28 28.55 -1.44 1.42
CA LYS C 28 29.44 -2.54 1.80
C LYS C 28 30.89 -2.09 1.81
N ASN C 29 31.30 -1.32 0.80
CA ASN C 29 32.66 -0.78 0.78
C ASN C 29 32.90 0.15 1.96
N VAL C 30 31.95 1.04 2.26
CA VAL C 30 32.08 1.92 3.42
C VAL C 30 32.24 1.10 4.68
N THR C 31 31.44 0.04 4.83
CA THR C 31 31.52 -0.81 6.02
C THR C 31 32.88 -1.47 6.13
N GLU C 32 33.45 -1.92 5.01
CA GLU C 32 34.72 -2.64 5.03
C GLU C 32 35.91 -1.73 5.30
N LEU C 33 35.71 -0.41 5.34
CA LEU C 33 36.77 0.48 5.83
C LEU C 33 37.03 0.33 7.32
N ASN C 34 36.22 -0.48 8.02
CA ASN C 34 36.43 -0.88 9.41
C ASN C 34 36.28 0.29 10.39
N GLU C 35 35.53 1.32 10.02
CA GLU C 35 35.20 2.39 10.93
C GLU C 35 33.72 2.33 11.27
N PRO C 36 33.32 2.84 12.44
CA PRO C 36 31.89 2.82 12.80
C PRO C 36 31.06 3.64 11.82
N LEU C 37 29.82 3.20 11.61
CA LEU C 37 28.91 3.92 10.75
C LEU C 37 28.15 4.96 11.55
N SER C 38 28.04 6.16 10.97
CA SER C 38 27.12 7.15 11.50
C SER C 38 25.69 6.66 11.33
N ASN C 39 24.76 7.34 12.00
CA ASN C 39 23.36 6.98 11.86
C ASN C 39 22.90 7.16 10.41
N GLU C 40 23.42 8.17 9.73
CA GLU C 40 23.08 8.39 8.33
C GLU C 40 23.61 7.25 7.46
N GLU C 41 24.88 6.87 7.66
CA GLU C 41 25.46 5.77 6.90
C GLU C 41 24.78 4.44 7.22
N ARG C 42 24.46 4.23 8.50
CA ARG C 42 23.78 3.00 8.91
C ARG C 42 22.42 2.87 8.24
N ASN C 43 21.70 3.98 8.11
CA ASN C 43 20.40 3.98 7.44
C ASN C 43 20.55 3.66 5.95
N LEU C 44 21.55 4.25 5.30
CA LEU C 44 21.80 3.95 3.89
C LEU C 44 22.13 2.49 3.68
N LEU C 45 22.96 1.91 4.55
CA LEU C 45 23.27 0.49 4.42
C LEU C 45 22.02 -0.36 4.56
N SER C 46 21.20 -0.04 5.57
CA SER C 46 19.99 -0.81 5.83
C SER C 46 18.98 -0.68 4.69
N VAL C 47 18.79 0.54 4.17
CA VAL C 47 17.85 0.74 3.07
C VAL C 47 18.32 -0.01 1.83
N ALA C 48 19.61 0.06 1.53
CA ALA C 48 20.14 -0.62 0.36
C ALA C 48 19.84 -2.11 0.40
N TYR C 49 20.27 -2.79 1.46
CA TYR C 49 20.13 -4.25 1.50
C TYR C 49 18.68 -4.68 1.71
N LYS C 50 17.86 -3.86 2.39
CA LYS C 50 16.44 -4.19 2.47
C LYS C 50 15.80 -4.20 1.09
N ASN C 51 16.19 -3.25 0.25
CA ASN C 51 15.63 -3.19 -1.11
C ASN C 51 16.17 -4.31 -1.98
N VAL C 52 17.46 -4.65 -1.81
CA VAL C 52 18.05 -5.75 -2.58
C VAL C 52 17.39 -7.06 -2.21
N VAL C 53 17.36 -7.38 -0.91
CA VAL C 53 16.77 -8.66 -0.49
C VAL C 53 15.26 -8.63 -0.67
N GLY C 54 14.64 -7.45 -0.56
CA GLY C 54 13.20 -7.36 -0.72
C GLY C 54 12.75 -7.70 -2.14
N ALA C 55 13.55 -7.30 -3.13
CA ALA C 55 13.25 -7.68 -4.51
C ALA C 55 13.36 -9.19 -4.71
N ARG C 56 14.38 -9.81 -4.09
CA ARG C 56 14.54 -11.26 -4.22
C ARG C 56 13.40 -11.99 -3.50
N ARG C 57 13.01 -11.49 -2.32
CA ARG C 57 11.90 -12.07 -1.57
C ARG C 57 10.59 -11.95 -2.33
N SER C 58 10.32 -10.80 -2.94
CA SER C 58 9.08 -10.63 -3.68
C SER C 58 9.03 -11.57 -4.88
N SER C 59 10.15 -11.70 -5.60
CA SER C 59 10.19 -12.61 -6.73
C SER C 59 10.00 -14.05 -6.27
N TRP C 60 10.64 -14.41 -5.16
CA TRP C 60 10.52 -15.78 -4.64
C TRP C 60 9.09 -16.12 -4.28
N ARG C 61 8.36 -15.18 -3.66
CA ARG C 61 6.98 -15.48 -3.29
C ARG C 61 6.08 -15.64 -4.50
N VAL C 62 6.35 -14.86 -5.56
CA VAL C 62 5.56 -15.01 -6.78
C VAL C 62 5.80 -16.38 -7.40
N ILE C 63 7.07 -16.78 -7.51
CA ILE C 63 7.40 -18.05 -8.14
C ILE C 63 6.95 -19.21 -7.25
N SER C 64 7.18 -19.10 -5.94
CA SER C 64 6.79 -20.17 -5.01
C SER C 64 5.28 -20.36 -5.00
N SER C 65 4.52 -19.27 -5.11
CA SER C 65 3.07 -19.39 -5.19
C SER C 65 2.64 -20.13 -6.45
N ILE C 66 3.29 -19.84 -7.57
CA ILE C 66 3.01 -20.58 -8.81
C ILE C 66 3.40 -22.04 -8.63
N GLU C 67 4.51 -22.29 -7.94
CA GLU C 67 4.97 -23.66 -7.71
C GLU C 67 3.91 -24.49 -7.00
N GLN C 68 3.27 -23.91 -5.98
CA GLN C 68 2.20 -24.60 -5.26
C GLN C 68 0.90 -24.69 -6.06
N LYS C 69 0.92 -24.30 -7.34
CA LYS C 69 -0.24 -24.44 -8.22
C LYS C 69 0.03 -25.37 -9.39
N THR C 70 1.28 -25.50 -9.82
CA THR C 70 1.66 -26.51 -10.79
C THR C 70 1.73 -27.87 -10.11
N ASP C 73 -1.51 -29.43 -10.17
CA ASP C 73 -1.83 -29.72 -11.57
C ASP C 73 -1.23 -31.06 -12.00
N GLY C 74 0.03 -31.28 -11.67
CA GLY C 74 0.68 -32.55 -11.94
C GLY C 74 1.57 -32.60 -13.17
N ASN C 75 1.77 -31.47 -13.85
CA ASN C 75 2.64 -31.44 -15.04
C ASN C 75 4.10 -31.50 -14.59
N GLU C 76 4.76 -32.62 -14.88
CA GLU C 76 6.14 -32.80 -14.41
C GLU C 76 7.09 -31.82 -15.08
N LYS C 77 6.94 -31.62 -16.39
CA LYS C 77 7.84 -30.70 -17.10
C LYS C 77 7.70 -29.28 -16.57
N LYS C 78 6.46 -28.80 -16.44
CA LYS C 78 6.24 -27.43 -15.96
C LYS C 78 6.70 -27.27 -14.53
N ILE C 79 6.50 -28.30 -13.69
CA ILE C 79 6.95 -28.23 -12.30
C ILE C 79 8.46 -28.07 -12.23
N GLU C 80 9.19 -28.79 -13.08
CA GLU C 80 10.65 -28.74 -13.02
C GLU C 80 11.18 -27.35 -13.39
N MET C 81 10.60 -26.72 -14.42
CA MET C 81 11.07 -25.40 -14.82
C MET C 81 10.75 -24.35 -13.76
N VAL C 82 9.53 -24.36 -13.22
CA VAL C 82 9.17 -23.38 -12.20
C VAL C 82 10.01 -23.57 -10.95
N ARG C 83 10.18 -24.82 -10.53
CA ARG C 83 10.95 -25.10 -9.32
C ARG C 83 12.44 -24.82 -9.54
N ALA C 84 12.96 -25.04 -10.74
CA ALA C 84 14.33 -24.67 -11.02
C ALA C 84 14.52 -23.16 -11.04
N TYR C 85 13.52 -22.41 -11.50
CA TYR C 85 13.59 -20.96 -11.44
C TYR C 85 13.49 -20.45 -10.01
N ARG C 86 12.60 -21.07 -9.22
CA ARG C 86 12.53 -20.75 -7.79
C ARG C 86 13.87 -20.95 -7.11
N GLU C 87 14.54 -22.06 -7.40
CA GLU C 87 15.83 -22.34 -6.76
C GLU C 87 16.90 -21.32 -7.14
N LYS C 88 16.89 -20.86 -8.40
CA LYS C 88 17.83 -19.83 -8.82
C LYS C 88 17.63 -18.54 -8.03
N ILE C 89 16.37 -18.11 -7.88
CA ILE C 89 16.07 -16.92 -7.10
C ILE C 89 16.46 -17.14 -5.64
N GLU C 90 16.18 -18.35 -5.13
CA GLU C 90 16.50 -18.71 -3.77
C GLU C 90 17.99 -18.53 -3.49
N LYS C 91 18.83 -19.03 -4.40
CA LYS C 91 20.27 -18.93 -4.20
C LYS C 91 20.73 -17.49 -4.24
N GLU C 92 20.12 -16.66 -5.08
CA GLU C 92 20.43 -15.23 -5.07
C GLU C 92 20.09 -14.61 -3.72
N LEU C 93 18.89 -14.93 -3.21
CA LEU C 93 18.46 -14.42 -1.92
C LEU C 93 19.42 -14.85 -0.80
N GLU C 94 19.83 -16.12 -0.81
CA GLU C 94 20.72 -16.61 0.23
C GLU C 94 22.09 -15.94 0.16
N ALA C 95 22.57 -15.66 -1.05
CA ALA C 95 23.86 -14.97 -1.19
C ALA C 95 23.79 -13.54 -0.66
N VAL C 96 22.67 -12.87 -0.88
CA VAL C 96 22.49 -11.51 -0.34
C VAL C 96 22.50 -11.56 1.18
N CYS C 97 21.75 -12.50 1.75
CA CYS C 97 21.71 -12.65 3.21
C CYS C 97 23.08 -12.97 3.76
N GLN C 98 23.83 -13.83 3.08
CA GLN C 98 25.18 -14.19 3.55
C GLN C 98 26.10 -12.98 3.55
N ASP C 99 25.96 -12.09 2.55
CA ASP C 99 26.76 -10.88 2.52
C ASP C 99 26.44 -9.97 3.71
N VAL C 100 25.15 -9.80 4.02
CA VAL C 100 24.76 -8.95 5.14
C VAL C 100 25.26 -9.52 6.46
N LEU C 101 25.07 -10.82 6.65
CA LEU C 101 25.44 -11.43 7.93
C LEU C 101 26.95 -11.39 8.15
N SER C 102 27.74 -11.52 7.08
CA SER C 102 29.19 -11.38 7.22
C SER C 102 29.57 -9.95 7.58
N LEU C 103 28.90 -8.97 6.98
CA LEU C 103 29.15 -7.57 7.35
C LEU C 103 28.81 -7.34 8.82
N LEU C 104 27.71 -7.91 9.29
CA LEU C 104 27.30 -7.72 10.68
C LEU C 104 28.28 -8.40 11.63
N ASP C 105 28.67 -9.64 11.32
CA ASP C 105 29.51 -10.41 12.24
C ASP C 105 30.96 -9.95 12.20
N ASN C 106 31.45 -9.49 11.06
CA ASN C 106 32.86 -9.16 10.94
C ASN C 106 33.16 -7.69 11.20
N TYR C 107 32.21 -6.79 10.94
CA TYR C 107 32.45 -5.36 11.13
C TYR C 107 31.48 -4.70 12.10
N LEU C 108 30.17 -4.81 11.87
CA LEU C 108 29.22 -3.90 12.49
C LEU C 108 28.98 -4.24 13.95
N ILE C 109 28.57 -5.47 14.25
CA ILE C 109 28.40 -5.88 15.64
C ILE C 109 29.76 -5.87 16.35
N LYS C 110 30.81 -6.31 15.66
CA LYS C 110 32.13 -6.45 16.28
C LYS C 110 32.64 -5.12 16.80
N ASN C 111 32.45 -4.04 16.04
CA ASN C 111 33.01 -2.74 16.38
C ASN C 111 32.16 -1.94 17.35
N CYS C 112 31.11 -2.51 17.92
CA CYS C 112 30.28 -1.79 18.87
C CYS C 112 30.96 -1.77 20.25
N SER C 113 31.16 -0.58 20.78
CA SER C 113 31.70 -0.45 22.13
C SER C 113 30.68 -0.90 23.17
N GLU C 114 31.14 -1.04 24.42
CA GLU C 114 30.28 -1.63 25.45
C GLU C 114 29.04 -0.78 25.72
N THR C 115 29.12 0.53 25.53
CA THR C 115 28.00 1.42 25.83
C THR C 115 27.17 1.75 24.59
N GLN C 116 27.47 1.13 23.46
CA GLN C 116 26.71 1.38 22.23
C GLN C 116 25.54 0.41 22.13
N TYR C 117 24.63 0.54 23.10
CA TYR C 117 23.49 -0.37 23.19
C TYR C 117 22.54 -0.18 22.01
N GLU C 118 22.35 1.07 21.59
CA GLU C 118 21.46 1.34 20.47
C GLU C 118 21.94 0.65 19.20
N SER C 119 23.24 0.77 18.91
CA SER C 119 23.80 0.11 17.73
C SER C 119 23.74 -1.41 17.86
N LYS C 120 24.01 -1.93 19.06
CA LYS C 120 23.95 -3.38 19.25
C LYS C 120 22.56 -3.90 18.98
N VAL C 121 21.53 -3.22 19.48
CA VAL C 121 20.16 -3.66 19.22
C VAL C 121 19.84 -3.55 17.74
N PHE C 122 20.27 -2.44 17.11
CA PHE C 122 20.02 -2.26 15.68
C PHE C 122 20.62 -3.39 14.88
N TYR C 123 21.89 -3.72 15.13
CA TYR C 123 22.57 -4.72 14.31
C TYR C 123 22.11 -6.14 14.65
N LEU C 124 21.85 -6.42 15.93
CA LEU C 124 21.36 -7.75 16.28
C LEU C 124 19.96 -7.99 15.73
N LYS C 125 19.11 -6.95 15.74
CA LYS C 125 17.83 -7.05 15.07
C LYS C 125 18.01 -7.34 13.58
N MET C 126 18.93 -6.62 12.94
CA MET C 126 19.26 -6.88 11.54
C MET C 126 19.73 -8.30 11.34
N LYS C 127 20.59 -8.80 12.24
CA LYS C 127 21.03 -10.18 12.18
C LYS C 127 19.86 -11.14 12.29
N GLY C 128 18.93 -10.88 13.20
CA GLY C 128 17.74 -11.70 13.30
C GLY C 128 16.87 -11.62 12.07
N ASP C 129 16.78 -10.42 11.46
CA ASP C 129 16.00 -10.25 10.24
C ASP C 129 16.53 -11.11 9.12
N TYR C 130 17.84 -11.04 8.86
CA TYR C 130 18.36 -11.69 7.67
C TYR C 130 18.49 -13.19 7.85
N TYR C 131 18.65 -13.68 9.08
CA TYR C 131 18.48 -15.11 9.31
C TYR C 131 17.01 -15.52 9.14
N ARG C 132 16.08 -14.64 9.50
CA ARG C 132 14.67 -14.94 9.26
C ARG C 132 14.36 -15.03 7.78
N TYR C 133 14.97 -14.16 6.96
CA TYR C 133 14.76 -14.26 5.51
C TYR C 133 15.35 -15.56 4.96
N LEU C 134 16.45 -16.04 5.54
CA LEU C 134 16.96 -17.35 5.17
C LEU C 134 15.99 -18.46 5.54
N ALA C 135 15.35 -18.33 6.71
CA ALA C 135 14.40 -19.35 7.16
C ALA C 135 13.15 -19.39 6.29
N GLU C 136 12.79 -18.27 5.67
CA GLU C 136 11.59 -18.24 4.83
C GLU C 136 11.68 -19.20 3.66
N VAL C 137 12.89 -19.44 3.15
CA VAL C 137 13.07 -20.25 1.96
C VAL C 137 13.73 -21.59 2.23
N ALA C 138 14.23 -21.82 3.43
CA ALA C 138 14.91 -23.08 3.75
C ALA C 138 13.92 -24.17 4.10
N THR C 139 14.35 -25.42 3.89
CA THR C 139 13.56 -26.60 4.24
C THR C 139 14.44 -27.59 4.98
N GLY C 140 13.79 -28.50 5.71
CA GLY C 140 14.50 -29.62 6.30
C GLY C 140 15.49 -29.17 7.36
N GLU C 141 16.66 -29.81 7.35
CA GLU C 141 17.67 -29.55 8.39
C GLU C 141 18.26 -28.16 8.25
N LYS C 142 18.42 -27.67 7.01
CA LYS C 142 19.00 -26.34 6.82
C LYS C 142 18.09 -25.26 7.41
N ARG C 143 16.78 -25.51 7.47
CA ARG C 143 15.87 -24.53 8.05
C ARG C 143 16.08 -24.42 9.56
N ALA C 144 16.22 -25.55 10.25
CA ALA C 144 16.33 -25.53 11.70
C ALA C 144 17.53 -24.69 12.15
N THR C 145 18.63 -24.74 11.40
CA THR C 145 19.84 -24.05 11.82
C THR C 145 19.67 -22.53 11.73
N VAL C 146 19.08 -22.04 10.65
CA VAL C 146 18.91 -20.59 10.51
C VAL C 146 17.78 -20.09 11.40
N VAL C 147 16.79 -20.94 11.68
CA VAL C 147 15.75 -20.56 12.64
C VAL C 147 16.37 -20.34 14.02
N GLU C 148 17.29 -21.22 14.42
CA GLU C 148 17.94 -21.06 15.72
C GLU C 148 18.83 -19.83 15.75
N SER C 149 19.55 -19.55 14.66
CA SER C 149 20.38 -18.35 14.62
C SER C 149 19.52 -17.09 14.70
N SER C 150 18.37 -17.10 14.02
CA SER C 150 17.48 -15.95 14.04
C SER C 150 16.95 -15.70 15.46
N GLU C 151 16.45 -16.75 16.12
CA GLU C 151 15.93 -16.57 17.46
C GLU C 151 17.01 -16.08 18.42
N LYS C 152 18.24 -16.59 18.25
CA LYS C 152 19.35 -16.19 19.12
C LYS C 152 19.68 -14.71 18.95
N ALA C 153 19.70 -14.23 17.71
CA ALA C 153 20.01 -12.81 17.48
C ALA C 153 18.91 -11.92 18.04
N TYR C 154 17.65 -12.27 17.76
CA TYR C 154 16.52 -11.51 18.29
C TYR C 154 16.52 -11.50 19.82
N SER C 155 16.85 -12.63 20.45
CA SER C 155 16.85 -12.73 21.91
C SER C 155 17.80 -11.73 22.53
N GLU C 156 19.04 -11.64 22.02
CA GLU C 156 19.97 -10.69 22.60
C GLU C 156 19.52 -9.26 22.40
N ALA C 157 19.02 -8.95 21.21
CA ALA C 157 18.57 -7.59 20.96
C ALA C 157 17.47 -7.19 21.91
N HIS C 158 16.52 -8.10 22.16
CA HIS C 158 15.39 -7.78 23.01
C HIS C 158 15.85 -7.59 24.44
N GLU C 159 16.80 -8.42 24.91
CA GLU C 159 17.29 -8.29 26.27
C GLU C 159 18.06 -6.98 26.46
N ILE C 160 18.87 -6.60 25.47
CA ILE C 160 19.58 -5.33 25.57
C ILE C 160 18.60 -4.17 25.50
N SER C 161 17.62 -4.23 24.59
CA SER C 161 16.69 -3.12 24.40
C SER C 161 15.78 -2.95 25.59
N LYS C 162 15.35 -4.04 26.22
CA LYS C 162 14.51 -3.92 27.40
C LYS C 162 15.25 -3.22 28.54
N GLU C 163 16.55 -3.48 28.66
CA GLU C 163 17.33 -2.93 29.75
C GLU C 163 17.78 -1.49 29.47
N HIS C 164 18.10 -1.17 28.21
CA HIS C 164 18.80 0.08 27.91
C HIS C 164 18.04 1.05 27.01
N MET C 165 16.88 0.68 26.47
CA MET C 165 16.16 1.56 25.57
C MET C 165 14.75 1.82 26.08
N GLN C 166 14.26 3.03 25.83
CA GLN C 166 12.89 3.37 26.17
C GLN C 166 11.91 2.50 25.38
N PRO C 167 10.79 2.10 25.97
CA PRO C 167 9.82 1.28 25.24
C PRO C 167 9.25 1.97 24.01
N THR C 168 9.31 3.30 23.95
CA THR C 168 8.80 4.06 22.82
C THR C 168 9.81 4.19 21.70
N HIS C 169 11.06 3.77 21.91
CA HIS C 169 12.10 3.94 20.90
C HIS C 169 11.75 3.15 19.65
N PRO C 170 11.84 3.75 18.46
CA PRO C 170 11.46 3.02 17.23
C PRO C 170 12.29 1.77 17.00
N ILE C 171 13.55 1.74 17.46
CA ILE C 171 14.34 0.52 17.27
C ILE C 171 13.84 -0.59 18.19
N ARG C 172 13.47 -0.24 19.42
CA ARG C 172 12.92 -1.25 20.33
C ARG C 172 11.55 -1.72 19.83
N LEU C 173 10.73 -0.79 19.34
CA LEU C 173 9.42 -1.17 18.80
C LEU C 173 9.57 -1.98 17.54
N GLY C 174 10.49 -1.59 16.64
CA GLY C 174 10.67 -2.34 15.40
C GLY C 174 11.22 -3.73 15.68
N LEU C 175 12.10 -3.86 16.66
CA LEU C 175 12.57 -5.17 17.08
C LEU C 175 11.41 -6.04 17.55
N ALA C 176 10.55 -5.50 18.42
CA ALA C 176 9.43 -6.28 18.92
C ALA C 176 8.48 -6.67 17.79
N LEU C 177 8.31 -5.79 16.81
CA LEU C 177 7.48 -6.10 15.67
C LEU C 177 8.04 -7.27 14.87
N ASN C 178 9.32 -7.19 14.50
CA ASN C 178 9.91 -8.23 13.67
C ASN C 178 10.09 -9.53 14.45
N TYR C 179 10.41 -9.43 15.74
CA TYR C 179 10.54 -10.62 16.59
C TYR C 179 9.20 -11.34 16.71
N SER C 180 8.11 -10.59 16.88
CA SER C 180 6.80 -11.21 16.95
C SER C 180 6.41 -11.84 15.61
N VAL C 181 6.81 -11.21 14.50
CA VAL C 181 6.59 -11.80 13.19
C VAL C 181 7.37 -13.10 13.06
N PHE C 182 8.59 -13.13 13.59
CA PHE C 182 9.38 -14.36 13.62
C PHE C 182 8.62 -15.47 14.34
N TYR C 183 8.05 -15.15 15.50
CA TYR C 183 7.31 -16.16 16.26
C TYR C 183 6.11 -16.67 15.46
N TYR C 184 5.34 -15.76 14.86
CA TYR C 184 4.11 -16.16 14.19
C TYR C 184 4.40 -16.91 12.89
N GLU C 185 5.23 -16.34 12.03
CA GLU C 185 5.42 -16.87 10.69
C GLU C 185 6.49 -17.94 10.59
N ILE C 186 7.54 -17.84 11.39
CA ILE C 186 8.66 -18.79 11.31
C ILE C 186 8.50 -19.93 12.30
N GLN C 187 8.21 -19.63 13.57
CA GLN C 187 8.09 -20.65 14.60
C GLN C 187 6.68 -21.21 14.73
N ASN C 188 5.70 -20.62 14.04
CA ASN C 188 4.29 -21.02 14.17
C ASN C 188 3.87 -21.05 15.64
N ALA C 189 4.24 -19.99 16.37
CA ALA C 189 3.95 -19.88 17.80
C ALA C 189 3.13 -18.61 18.01
N PRO C 190 1.84 -18.65 17.67
CA PRO C 190 1.04 -17.41 17.74
C PRO C 190 0.87 -16.88 19.14
N GLU C 191 0.84 -17.74 20.15
CA GLU C 191 0.70 -17.26 21.53
C GLU C 191 1.90 -16.44 21.94
N GLN C 192 3.11 -16.90 21.61
CA GLN C 192 4.29 -16.10 21.87
C GLN C 192 4.28 -14.82 21.05
N ALA C 193 3.87 -14.90 19.78
CA ALA C 193 3.83 -13.71 18.93
C ALA C 193 2.89 -12.66 19.49
N CYS C 194 1.68 -13.08 19.87
CA CYS C 194 0.68 -12.14 20.35
C CYS C 194 1.09 -11.50 21.68
N HIS C 195 1.68 -12.29 22.59
CA HIS C 195 2.11 -11.74 23.87
C HIS C 195 3.20 -10.69 23.68
N LEU C 196 4.20 -11.01 22.86
CA LEU C 196 5.31 -10.08 22.64
C LEU C 196 4.82 -8.78 22.01
N ALA C 197 3.95 -8.88 21.00
CA ALA C 197 3.47 -7.68 20.33
C ALA C 197 2.61 -6.83 21.24
N LYS C 198 1.75 -7.46 22.05
CA LYS C 198 0.87 -6.71 22.95
C LYS C 198 1.66 -6.09 24.09
N THR C 199 2.65 -6.82 24.62
CA THR C 199 3.48 -6.27 25.69
C THR C 199 4.23 -5.04 25.22
N ALA C 200 4.84 -5.12 24.03
CA ALA C 200 5.58 -3.99 23.50
C ALA C 200 4.66 -2.80 23.26
N PHE C 201 3.45 -3.06 22.76
CA PHE C 201 2.48 -1.99 22.53
C PHE C 201 2.11 -1.31 23.84
N ASP C 202 1.74 -2.10 24.86
CA ASP C 202 1.33 -1.52 26.13
C ASP C 202 2.48 -0.80 26.80
N ASP C 203 3.70 -1.34 26.69
CA ASP C 203 4.86 -0.69 27.28
C ASP C 203 5.12 0.69 26.67
N ALA C 204 4.83 0.87 25.38
CA ALA C 204 5.00 2.16 24.70
C ALA C 204 3.88 3.14 24.99
N ILE C 205 2.65 2.64 25.20
CA ILE C 205 1.53 3.52 25.52
C ILE C 205 1.78 4.31 26.81
N ALA C 206 2.39 3.66 27.82
CA ALA C 206 2.51 4.27 29.14
C ALA C 206 3.27 5.58 29.08
N GLU C 207 4.17 5.75 28.11
CA GLU C 207 4.93 6.98 28.02
C GLU C 207 4.72 7.69 26.69
N LEU C 208 3.58 7.54 26.00
CA LEU C 208 3.52 8.28 24.74
C LEU C 208 3.27 9.77 24.93
N ASP C 209 2.74 10.20 26.06
CA ASP C 209 2.52 11.62 26.27
C ASP C 209 3.82 12.39 26.31
N THR C 210 4.96 11.70 26.47
CA THR C 210 6.25 12.36 26.64
C THR C 210 6.97 12.69 25.32
N LEU C 211 6.53 12.15 24.19
CA LEU C 211 7.23 12.36 22.92
C LEU C 211 6.92 13.72 22.31
N ASN C 212 7.90 14.23 21.55
CA ASN C 212 7.69 15.40 20.72
C ASN C 212 7.09 14.95 19.39
N GLU C 213 6.85 15.90 18.49
CA GLU C 213 6.16 15.59 17.24
C GLU C 213 6.97 14.62 16.38
N ASP C 214 8.30 14.77 16.37
CA ASP C 214 9.11 13.92 15.49
C ASP C 214 9.17 12.49 15.99
N SER C 215 9.24 12.30 17.31
CA SER C 215 9.31 10.94 17.83
C SER C 215 7.93 10.29 17.83
N TYR C 216 6.87 11.08 18.02
CA TYR C 216 5.52 10.55 18.04
C TYR C 216 5.19 9.85 16.72
N LYS C 217 5.65 10.42 15.60
CA LYS C 217 5.30 9.89 14.30
C LYS C 217 5.98 8.55 14.04
N ASP C 218 7.28 8.46 14.33
CA ASP C 218 7.98 7.20 14.10
C ASP C 218 7.45 6.08 14.99
N SER C 219 7.13 6.40 16.24
CA SER C 219 6.68 5.36 17.18
C SER C 219 5.27 4.92 16.86
N THR C 220 4.35 5.86 16.62
CA THR C 220 2.97 5.48 16.34
C THR C 220 2.87 4.70 15.03
N LEU C 221 3.80 4.94 14.09
CA LEU C 221 3.82 4.18 12.85
C LEU C 221 4.05 2.69 13.13
N ILE C 222 5.07 2.38 13.93
CA ILE C 222 5.34 0.99 14.25
C ILE C 222 4.24 0.43 15.16
N MET C 223 3.71 1.25 16.06
CA MET C 223 2.61 0.80 16.91
C MET C 223 1.38 0.44 16.09
N GLN C 224 1.13 1.18 15.01
CA GLN C 224 0.04 0.82 14.11
C GLN C 224 0.28 -0.54 13.45
N LEU C 225 1.53 -0.83 13.08
CA LEU C 225 1.83 -2.14 12.52
C LEU C 225 1.66 -3.25 13.56
N LEU C 226 2.05 -2.99 14.80
CA LEU C 226 1.80 -3.97 15.87
C LEU C 226 0.31 -4.25 16.02
N ARG C 227 -0.51 -3.20 16.02
CA ARG C 227 -1.95 -3.38 16.13
C ARG C 227 -2.52 -4.11 14.92
N ASP C 228 -2.02 -3.79 13.72
CA ASP C 228 -2.50 -4.48 12.52
C ASP C 228 -2.19 -5.98 12.60
N ASN C 229 -0.99 -6.34 13.05
CA ASN C 229 -0.64 -7.75 13.18
C ASN C 229 -1.52 -8.45 14.22
N LEU C 230 -1.76 -7.80 15.37
CA LEU C 230 -2.59 -8.40 16.41
C LEU C 230 -4.00 -8.65 15.92
N THR C 231 -4.56 -7.70 15.16
CA THR C 231 -5.89 -7.88 14.59
C THR C 231 -5.91 -9.03 13.58
N LEU C 232 -4.88 -9.10 12.72
CA LEU C 232 -4.77 -10.20 11.77
C LEU C 232 -4.69 -11.54 12.48
N TRP C 233 -3.89 -11.61 13.55
CA TRP C 233 -3.64 -12.88 14.21
C TRP C 233 -4.84 -13.36 15.02
N THR C 234 -5.76 -12.48 15.37
CA THR C 234 -6.93 -12.84 16.15
C THR C 234 -8.17 -13.01 15.27
N ASP D 3 -39.60 1.95 -0.61
CA ASP D 3 -39.43 0.88 -1.58
C ASP D 3 -38.31 -0.06 -1.15
N ARG D 4 -38.70 -1.28 -0.74
CA ARG D 4 -37.78 -2.22 -0.12
C ARG D 4 -36.55 -2.47 -0.97
N GLU D 5 -36.73 -2.61 -2.29
CA GLU D 5 -35.59 -2.86 -3.17
C GLU D 5 -34.59 -1.72 -3.12
N GLN D 6 -35.05 -0.49 -2.85
CA GLN D 6 -34.14 0.65 -2.78
C GLN D 6 -33.40 0.72 -1.45
N LEU D 7 -34.06 0.35 -0.35
CA LEU D 7 -33.35 0.30 0.93
C LEU D 7 -32.33 -0.82 0.95
N VAL D 8 -32.63 -1.97 0.33
CA VAL D 8 -31.69 -3.06 0.28
C VAL D 8 -30.51 -2.71 -0.62
N GLN D 9 -30.78 -2.03 -1.74
CA GLN D 9 -29.70 -1.58 -2.61
C GLN D 9 -28.82 -0.56 -1.91
N LYS D 10 -29.42 0.33 -1.12
CA LYS D 10 -28.65 1.30 -0.35
C LYS D 10 -27.77 0.61 0.69
N ALA D 11 -28.28 -0.45 1.32
CA ALA D 11 -27.46 -1.23 2.24
C ALA D 11 -26.27 -1.86 1.53
N ARG D 12 -26.46 -2.32 0.30
CA ARG D 12 -25.36 -2.87 -0.48
C ARG D 12 -24.36 -1.79 -0.85
N LEU D 13 -24.84 -0.58 -1.14
CA LEU D 13 -23.95 0.53 -1.46
C LEU D 13 -23.14 0.96 -0.25
N ALA D 14 -23.79 1.06 0.91
CA ALA D 14 -23.12 1.44 2.14
C ALA D 14 -22.02 0.45 2.51
N GLU D 15 -22.26 -0.85 2.30
CA GLU D 15 -21.21 -1.84 2.56
C GLU D 15 -20.01 -1.61 1.66
N GLN D 16 -20.26 -1.35 0.36
CA GLN D 16 -19.17 -1.10 -0.57
C GLN D 16 -18.39 0.15 -0.17
N ALA D 17 -19.07 1.17 0.33
CA ALA D 17 -18.44 2.41 0.80
C ALA D 17 -17.89 2.29 2.22
N GLU D 18 -18.01 1.12 2.86
CA GLU D 18 -17.55 0.90 4.24
C GLU D 18 -18.18 1.92 5.19
N ARG D 19 -19.48 2.17 4.99
CA ARG D 19 -20.26 3.04 5.87
C ARG D 19 -21.27 2.15 6.57
N TYR D 20 -20.82 1.51 7.65
CA TYR D 20 -21.61 0.45 8.25
C TYR D 20 -22.74 0.98 9.12
N ASP D 21 -22.62 2.20 9.64
CA ASP D 21 -23.76 2.84 10.30
C ASP D 21 -24.92 2.99 9.32
N ASP D 22 -24.64 3.50 8.11
CA ASP D 22 -25.69 3.62 7.09
C ASP D 22 -26.24 2.25 6.72
N MET D 23 -25.35 1.25 6.60
CA MET D 23 -25.78 -0.09 6.23
C MET D 23 -26.72 -0.68 7.28
N ALA D 24 -26.40 -0.50 8.56
CA ALA D 24 -27.27 -1.01 9.62
C ALA D 24 -28.60 -0.26 9.66
N ALA D 25 -28.56 1.06 9.46
CA ALA D 25 -29.80 1.85 9.44
C ALA D 25 -30.73 1.39 8.32
N ALA D 26 -30.17 1.07 7.16
CA ALA D 26 -31.00 0.63 6.04
C ALA D 26 -31.62 -0.74 6.32
N MET D 27 -30.83 -1.69 6.85
CA MET D 27 -31.36 -3.02 7.12
C MET D 27 -32.29 -3.03 8.32
N LYS D 28 -32.08 -2.14 9.29
CA LYS D 28 -33.05 -1.96 10.37
C LYS D 28 -34.40 -1.51 9.82
N ASN D 29 -34.38 -0.56 8.88
CA ASN D 29 -35.61 -0.13 8.23
C ASN D 29 -36.26 -1.27 7.45
N VAL D 30 -35.48 -2.03 6.69
CA VAL D 30 -36.02 -3.18 5.96
C VAL D 30 -36.65 -4.17 6.93
N THR D 31 -35.98 -4.44 8.05
CA THR D 31 -36.52 -5.37 9.04
C THR D 31 -37.84 -4.86 9.59
N GLU D 32 -37.95 -3.55 9.83
CA GLU D 32 -39.15 -2.99 10.42
C GLU D 32 -40.32 -2.93 9.47
N LEU D 33 -40.12 -3.26 8.19
CA LEU D 33 -41.22 -3.45 7.26
C LEU D 33 -42.03 -4.71 7.59
N ASN D 34 -41.56 -5.52 8.54
CA ASN D 34 -42.29 -6.67 9.08
C ASN D 34 -42.47 -7.77 8.04
N GLU D 35 -41.58 -7.83 7.05
CA GLU D 35 -41.57 -8.92 6.11
C GLU D 35 -40.34 -9.80 6.35
N PRO D 36 -40.41 -11.10 6.04
CA PRO D 36 -39.25 -11.97 6.25
C PRO D 36 -38.06 -11.53 5.43
N LEU D 37 -36.87 -11.73 5.99
CA LEU D 37 -35.63 -11.41 5.30
C LEU D 37 -35.17 -12.59 4.46
N SER D 38 -34.76 -12.32 3.23
CA SER D 38 -34.08 -13.32 2.43
C SER D 38 -32.73 -13.67 3.07
N ASN D 39 -32.12 -14.74 2.56
CA ASN D 39 -30.81 -15.13 3.06
C ASN D 39 -29.78 -14.03 2.82
N GLU D 40 -29.86 -13.35 1.67
CA GLU D 40 -28.95 -12.24 1.40
C GLU D 40 -29.22 -11.06 2.31
N GLU D 41 -30.50 -10.71 2.49
CA GLU D 41 -30.84 -9.60 3.37
C GLU D 41 -30.45 -9.91 4.80
N ARG D 42 -30.62 -11.17 5.21
CA ARG D 42 -30.22 -11.58 6.56
C ARG D 42 -28.72 -11.41 6.75
N ASN D 43 -27.92 -11.77 5.74
CA ASN D 43 -26.48 -11.60 5.83
C ASN D 43 -26.10 -10.12 5.83
N LEU D 44 -26.76 -9.30 5.00
CA LEU D 44 -26.47 -7.87 5.00
C LEU D 44 -26.75 -7.27 6.38
N LEU D 45 -27.86 -7.66 7.00
CA LEU D 45 -28.16 -7.18 8.35
C LEU D 45 -27.08 -7.60 9.33
N SER D 46 -26.66 -8.87 9.26
CA SER D 46 -25.65 -9.38 10.18
C SER D 46 -24.31 -8.70 9.96
N VAL D 47 -23.90 -8.54 8.69
CA VAL D 47 -22.63 -7.90 8.40
C VAL D 47 -22.63 -6.46 8.90
N ALA D 48 -23.73 -5.74 8.67
CA ALA D 48 -23.82 -4.34 9.10
C ALA D 48 -23.59 -4.21 10.60
N TYR D 49 -24.39 -4.91 11.39
CA TYR D 49 -24.32 -4.72 12.84
C TYR D 49 -23.06 -5.34 13.43
N LYS D 50 -22.53 -6.40 12.81
CA LYS D 50 -21.26 -6.96 13.28
C LYS D 50 -20.14 -5.93 13.17
N ASN D 51 -20.12 -5.16 12.08
CA ASN D 51 -19.09 -4.15 11.89
C ASN D 51 -19.32 -2.96 12.81
N VAL D 52 -20.58 -2.57 13.01
CA VAL D 52 -20.90 -1.45 13.89
C VAL D 52 -20.50 -1.78 15.32
N VAL D 53 -20.97 -2.92 15.83
CA VAL D 53 -20.64 -3.29 17.20
C VAL D 53 -19.17 -3.68 17.30
N GLY D 54 -18.60 -4.23 16.24
CA GLY D 54 -17.21 -4.64 16.27
C GLY D 54 -16.27 -3.46 16.39
N ALA D 55 -16.63 -2.32 15.79
CA ALA D 55 -15.82 -1.11 15.95
C ALA D 55 -15.79 -0.65 17.40
N ARG D 56 -16.94 -0.71 18.09
CA ARG D 56 -16.97 -0.35 19.51
C ARG D 56 -16.24 -1.39 20.36
N ARG D 57 -16.39 -2.67 20.05
CA ARG D 57 -15.68 -3.69 20.81
C ARG D 57 -14.17 -3.50 20.69
N SER D 58 -13.69 -3.23 19.47
CA SER D 58 -12.26 -3.03 19.28
C SER D 58 -11.78 -1.79 20.03
N SER D 59 -12.54 -0.68 19.96
CA SER D 59 -12.17 0.53 20.68
C SER D 59 -12.22 0.33 22.18
N TRP D 60 -13.27 -0.34 22.67
CA TRP D 60 -13.37 -0.63 24.10
C TRP D 60 -12.19 -1.47 24.57
N ARG D 61 -11.77 -2.46 23.75
CA ARG D 61 -10.64 -3.30 24.11
C ARG D 61 -9.33 -2.50 24.15
N VAL D 62 -9.16 -1.54 23.24
CA VAL D 62 -7.95 -0.71 23.26
C VAL D 62 -7.94 0.21 24.47
N ILE D 63 -9.08 0.87 24.73
CA ILE D 63 -9.16 1.82 25.82
C ILE D 63 -8.97 1.12 27.17
N SER D 64 -9.56 -0.07 27.32
CA SER D 64 -9.41 -0.83 28.56
C SER D 64 -7.96 -1.21 28.81
N SER D 65 -7.23 -1.58 27.75
CA SER D 65 -5.83 -1.93 27.91
C SER D 65 -5.01 -0.72 28.34
N ILE D 66 -5.26 0.43 27.73
CA ILE D 66 -4.57 1.66 28.11
C ILE D 66 -4.94 2.04 29.54
N GLU D 67 -6.19 1.82 29.92
CA GLU D 67 -6.66 2.16 31.26
C GLU D 67 -5.89 1.41 32.34
N GLN D 68 -5.59 0.12 32.10
CA GLN D 68 -4.84 -0.64 33.09
C GLN D 68 -3.42 -0.12 33.23
N LYS D 69 -2.78 0.24 32.11
CA LYS D 69 -1.44 0.84 32.20
C LYS D 69 -1.50 2.19 32.89
N THR D 70 -2.53 2.98 32.61
CA THR D 70 -2.62 4.32 33.18
C THR D 70 -2.92 4.28 34.68
N SER D 71 -3.72 3.30 35.11
CA SER D 71 -4.09 3.23 36.52
C SER D 71 -2.88 3.00 37.41
N ALA D 72 -1.92 2.19 36.95
CA ALA D 72 -0.74 1.90 37.74
C ALA D 72 0.15 3.13 37.91
N ASP D 73 0.05 4.10 37.02
CA ASP D 73 0.91 5.27 37.06
C ASP D 73 0.36 6.39 37.94
N GLY D 74 -0.91 6.31 38.34
CA GLY D 74 -1.41 7.12 39.44
C GLY D 74 -1.80 8.55 39.12
N ASN D 75 -1.80 8.96 37.85
CA ASN D 75 -2.26 10.29 37.49
C ASN D 75 -3.78 10.29 37.50
N GLU D 76 -4.37 10.87 38.56
CA GLU D 76 -5.82 10.74 38.76
C GLU D 76 -6.60 11.46 37.67
N LYS D 77 -6.12 12.61 37.20
CA LYS D 77 -6.82 13.31 36.13
C LYS D 77 -6.83 12.50 34.85
N LYS D 78 -5.68 11.91 34.48
CA LYS D 78 -5.63 11.06 33.30
C LYS D 78 -6.46 9.80 33.48
N ILE D 79 -6.45 9.22 34.68
CA ILE D 79 -7.23 8.02 34.95
C ILE D 79 -8.71 8.30 34.76
N GLU D 80 -9.19 9.44 35.25
CA GLU D 80 -10.61 9.76 35.12
C GLU D 80 -11.00 10.01 33.66
N MET D 81 -10.12 10.64 32.89
CA MET D 81 -10.44 10.90 31.48
C MET D 81 -10.54 9.60 30.71
N VAL D 82 -9.61 8.67 30.94
CA VAL D 82 -9.64 7.38 30.24
C VAL D 82 -10.88 6.59 30.65
N ARG D 83 -11.21 6.58 31.94
CA ARG D 83 -12.36 5.81 32.40
C ARG D 83 -13.65 6.41 31.86
N ALA D 84 -13.72 7.73 31.76
CA ALA D 84 -14.91 8.37 31.20
C ALA D 84 -15.04 8.09 29.70
N TYR D 85 -13.91 7.98 29.00
CA TYR D 85 -13.97 7.64 27.59
C TYR D 85 -14.38 6.19 27.38
N ARG D 86 -13.86 5.28 28.21
CA ARG D 86 -14.28 3.89 28.16
C ARG D 86 -15.79 3.77 28.37
N GLU D 87 -16.31 4.48 29.37
CA GLU D 87 -17.75 4.42 29.65
C GLU D 87 -18.55 4.98 28.48
N LYS D 88 -18.03 6.04 27.83
CA LYS D 88 -18.71 6.58 26.65
C LYS D 88 -18.82 5.54 25.55
N ILE D 89 -17.72 4.82 25.29
CA ILE D 89 -17.76 3.75 24.29
C ILE D 89 -18.70 2.63 24.74
N GLU D 90 -18.68 2.30 26.03
CA GLU D 90 -19.55 1.27 26.57
C GLU D 90 -21.02 1.58 26.28
N LYS D 91 -21.43 2.83 26.50
CA LYS D 91 -22.83 3.19 26.30
C LYS D 91 -23.19 3.08 24.82
N GLU D 92 -22.25 3.43 23.94
CA GLU D 92 -22.47 3.27 22.50
C GLU D 92 -22.64 1.80 22.15
N LEU D 93 -21.77 0.94 22.68
CA LEU D 93 -21.87 -0.50 22.41
C LEU D 93 -23.21 -1.05 22.90
N GLU D 94 -23.64 -0.64 24.09
CA GLU D 94 -24.88 -1.15 24.65
C GLU D 94 -26.09 -0.70 23.82
N ALA D 95 -26.04 0.54 23.31
CA ALA D 95 -27.13 1.03 22.49
C ALA D 95 -27.22 0.26 21.18
N VAL D 96 -26.08 -0.10 20.60
CA VAL D 96 -26.07 -0.91 19.37
C VAL D 96 -26.67 -2.29 19.65
N CYS D 97 -26.23 -2.92 20.74
CA CYS D 97 -26.74 -4.24 21.10
C CYS D 97 -28.25 -4.21 21.36
N GLN D 98 -28.73 -3.17 22.04
CA GLN D 98 -30.16 -3.08 22.32
C GLN D 98 -30.97 -2.91 21.05
N ASP D 99 -30.43 -2.19 20.06
CA ASP D 99 -31.16 -2.04 18.80
C ASP D 99 -31.32 -3.38 18.10
N VAL D 100 -30.24 -4.16 18.00
CA VAL D 100 -30.35 -5.46 17.33
C VAL D 100 -31.26 -6.40 18.11
N LEU D 101 -31.13 -6.42 19.45
CA LEU D 101 -31.94 -7.33 20.23
C LEU D 101 -33.42 -6.98 20.12
N SER D 102 -33.74 -5.69 20.01
CA SER D 102 -35.12 -5.30 19.76
C SER D 102 -35.57 -5.76 18.39
N LEU D 103 -34.70 -5.66 17.39
CA LEU D 103 -35.03 -6.17 16.06
C LEU D 103 -35.26 -7.67 16.08
N LEU D 104 -34.43 -8.41 16.83
CA LEU D 104 -34.57 -9.86 16.89
C LEU D 104 -35.84 -10.26 17.64
N ASP D 105 -36.11 -9.62 18.78
CA ASP D 105 -37.25 -10.03 19.60
C ASP D 105 -38.58 -9.58 19.02
N ASN D 106 -38.61 -8.42 18.35
CA ASN D 106 -39.86 -7.85 17.85
C ASN D 106 -40.17 -8.21 16.42
N TYR D 107 -39.16 -8.48 15.59
CA TYR D 107 -39.40 -8.82 14.19
C TYR D 107 -38.85 -10.18 13.80
N LEU D 108 -37.56 -10.44 14.02
CA LEU D 108 -36.88 -11.52 13.31
C LEU D 108 -37.21 -12.90 13.89
N ILE D 109 -36.96 -13.10 15.19
CA ILE D 109 -37.31 -14.35 15.83
C ILE D 109 -38.82 -14.54 15.84
N LYS D 110 -39.55 -13.45 16.09
CA LYS D 110 -41.00 -13.52 16.23
C LYS D 110 -41.66 -14.03 14.95
N ASN D 111 -41.21 -13.57 13.80
CA ASN D 111 -41.87 -13.90 12.54
C ASN D 111 -41.41 -15.25 11.96
N CYS D 112 -40.63 -16.03 12.69
CA CYS D 112 -40.21 -17.34 12.21
C CYS D 112 -41.33 -18.36 12.41
N SER D 113 -41.72 -19.02 11.33
CA SER D 113 -42.69 -20.10 11.44
C SER D 113 -42.05 -21.31 12.12
N GLU D 114 -42.90 -22.27 12.47
CA GLU D 114 -42.45 -23.42 13.27
C GLU D 114 -41.42 -24.25 12.52
N THR D 115 -41.49 -24.27 11.20
CA THR D 115 -40.61 -25.11 10.39
C THR D 115 -39.42 -24.36 9.80
N GLN D 116 -39.24 -23.09 10.15
CA GLN D 116 -38.12 -22.29 9.66
C GLN D 116 -36.92 -22.44 10.59
N TYR D 117 -36.37 -23.66 10.60
CA TYR D 117 -35.35 -23.99 11.59
C TYR D 117 -34.06 -23.20 11.36
N GLU D 118 -33.66 -23.03 10.09
CA GLU D 118 -32.41 -22.33 9.83
C GLU D 118 -32.46 -20.89 10.30
N SER D 119 -33.56 -20.19 9.99
CA SER D 119 -33.71 -18.80 10.42
C SER D 119 -33.80 -18.69 11.93
N LYS D 120 -34.52 -19.62 12.56
CA LYS D 120 -34.64 -19.62 14.01
C LYS D 120 -33.28 -19.78 14.68
N VAL D 121 -32.46 -20.72 14.17
CA VAL D 121 -31.13 -20.90 14.75
C VAL D 121 -30.26 -19.68 14.48
N PHE D 122 -30.31 -19.15 13.26
CA PHE D 122 -29.51 -17.98 12.91
C PHE D 122 -29.81 -16.81 13.82
N TYR D 123 -31.10 -16.50 14.01
CA TYR D 123 -31.48 -15.34 14.80
C TYR D 123 -31.26 -15.57 16.29
N LEU D 124 -31.50 -16.80 16.76
CA LEU D 124 -31.25 -17.09 18.16
C LEU D 124 -29.76 -17.07 18.47
N LYS D 125 -28.93 -17.57 17.55
CA LYS D 125 -27.49 -17.43 17.69
C LYS D 125 -27.10 -15.96 17.76
N MET D 126 -27.68 -15.15 16.87
CA MET D 126 -27.45 -13.70 16.89
C MET D 126 -27.85 -13.10 18.22
N LYS D 127 -28.99 -13.53 18.76
CA LYS D 127 -29.41 -13.06 20.08
C LYS D 127 -28.40 -13.44 21.15
N GLY D 128 -27.88 -14.67 21.11
CA GLY D 128 -26.84 -15.05 22.05
C GLY D 128 -25.57 -14.26 21.86
N ASP D 129 -25.22 -13.95 20.61
CA ASP D 129 -24.03 -13.18 20.31
C ASP D 129 -24.09 -11.79 20.95
N TYR D 130 -25.21 -11.09 20.74
CA TYR D 130 -25.23 -9.70 21.17
C TYR D 130 -25.44 -9.57 22.68
N TYR D 131 -26.07 -10.56 23.32
CA TYR D 131 -26.03 -10.61 24.77
C TYR D 131 -24.62 -10.94 25.27
N ARG D 132 -23.86 -11.74 24.51
CA ARG D 132 -22.48 -12.01 24.88
C ARG D 132 -21.64 -10.73 24.79
N TYR D 133 -21.88 -9.90 23.78
CA TYR D 133 -21.15 -8.64 23.68
C TYR D 133 -21.49 -7.71 24.83
N LEU D 134 -22.75 -7.70 25.27
CA LEU D 134 -23.10 -6.95 26.47
C LEU D 134 -22.40 -7.51 27.70
N ALA D 135 -22.27 -8.84 27.78
CA ALA D 135 -21.61 -9.44 28.93
C ALA D 135 -20.13 -9.12 28.97
N GLU D 136 -19.52 -8.85 27.82
CA GLU D 136 -18.09 -8.55 27.78
C GLU D 136 -17.74 -7.30 28.58
N VAL D 137 -18.65 -6.33 28.63
CA VAL D 137 -18.41 -5.05 29.31
C VAL D 137 -19.23 -4.89 30.57
N ALA D 138 -20.18 -5.78 30.85
CA ALA D 138 -21.02 -5.64 32.03
C ALA D 138 -20.30 -6.15 33.27
N THR D 139 -20.72 -5.63 34.42
CA THR D 139 -20.21 -6.07 35.71
C THR D 139 -21.37 -6.29 36.68
N GLY D 140 -21.10 -7.06 37.73
CA GLY D 140 -22.04 -7.18 38.83
C GLY D 140 -23.35 -7.85 38.45
N GLU D 141 -24.44 -7.33 38.99
CA GLU D 141 -25.75 -7.95 38.79
C GLU D 141 -26.21 -7.82 37.34
N LYS D 142 -25.89 -6.71 36.69
CA LYS D 142 -26.27 -6.55 35.29
C LYS D 142 -25.56 -7.56 34.40
N ARG D 143 -24.35 -7.99 34.79
CA ARG D 143 -23.64 -8.98 34.01
C ARG D 143 -24.33 -10.33 34.09
N ALA D 144 -24.70 -10.76 35.30
CA ALA D 144 -25.32 -12.07 35.47
C ALA D 144 -26.60 -12.18 34.65
N THR D 145 -27.33 -11.07 34.52
CA THR D 145 -28.60 -11.10 33.80
C THR D 145 -28.38 -11.28 32.31
N VAL D 146 -27.41 -10.57 31.73
CA VAL D 146 -27.16 -10.69 30.30
C VAL D 146 -26.44 -11.99 29.97
N VAL D 147 -25.63 -12.50 30.90
CA VAL D 147 -25.01 -13.81 30.73
C VAL D 147 -26.09 -14.89 30.66
N GLU D 148 -27.10 -14.80 31.54
CA GLU D 148 -28.19 -15.76 31.53
C GLU D 148 -29.02 -15.64 30.26
N SER D 149 -29.26 -14.42 29.78
CA SER D 149 -29.98 -14.24 28.52
C SER D 149 -29.20 -14.80 27.35
N SER D 150 -27.87 -14.64 27.37
CA SER D 150 -27.04 -15.20 26.31
C SER D 150 -27.13 -16.72 26.32
N GLU D 151 -27.00 -17.32 27.51
CA GLU D 151 -27.08 -18.77 27.65
C GLU D 151 -28.43 -19.30 27.18
N LYS D 152 -29.52 -18.60 27.50
CA LYS D 152 -30.84 -19.06 27.10
C LYS D 152 -30.99 -19.09 25.59
N ALA D 153 -30.52 -18.05 24.90
CA ALA D 153 -30.62 -17.99 23.45
C ALA D 153 -29.76 -19.04 22.78
N TYR D 154 -28.50 -19.17 23.22
CA TYR D 154 -27.61 -20.18 22.63
C TYR D 154 -28.17 -21.58 22.84
N SER D 155 -28.70 -21.85 24.04
CA SER D 155 -29.18 -23.19 24.36
C SER D 155 -30.35 -23.58 23.45
N GLU D 156 -31.33 -22.68 23.28
CA GLU D 156 -32.45 -22.97 22.40
C GLU D 156 -31.98 -23.15 20.97
N ALA D 157 -31.08 -22.26 20.50
CA ALA D 157 -30.53 -22.39 19.17
C ALA D 157 -29.83 -23.73 18.99
N HIS D 158 -29.09 -24.18 20.01
CA HIS D 158 -28.34 -25.43 19.90
C HIS D 158 -29.27 -26.63 19.80
N GLU D 159 -30.36 -26.63 20.56
CA GLU D 159 -31.29 -27.75 20.53
C GLU D 159 -31.98 -27.87 19.18
N ILE D 160 -32.33 -26.72 18.58
CA ILE D 160 -32.99 -26.75 17.26
C ILE D 160 -32.02 -27.25 16.19
N SER D 161 -30.79 -26.75 16.19
CA SER D 161 -29.85 -27.13 15.14
C SER D 161 -29.42 -28.59 15.28
N LYS D 162 -29.25 -29.06 16.52
CA LYS D 162 -28.90 -30.46 16.73
C LYS D 162 -29.99 -31.39 16.21
N GLU D 163 -31.26 -30.98 16.35
CA GLU D 163 -32.37 -31.83 15.93
C GLU D 163 -32.61 -31.73 14.43
N HIS D 164 -32.43 -30.55 13.83
CA HIS D 164 -32.93 -30.30 12.49
C HIS D 164 -31.87 -29.95 11.43
N MET D 165 -30.61 -29.75 11.81
CA MET D 165 -29.62 -29.31 10.84
C MET D 165 -28.44 -30.27 10.76
N GLN D 166 -27.91 -30.40 9.54
CA GLN D 166 -26.74 -31.23 9.29
C GLN D 166 -25.52 -30.69 10.05
N PRO D 167 -24.65 -31.57 10.55
CA PRO D 167 -23.48 -31.10 11.31
C PRO D 167 -22.53 -30.22 10.50
N THR D 168 -22.51 -30.30 9.18
CA THR D 168 -21.65 -29.47 8.36
C THR D 168 -22.28 -28.14 7.97
N HIS D 169 -23.53 -27.90 8.34
CA HIS D 169 -24.17 -26.64 7.98
C HIS D 169 -23.43 -25.49 8.66
N PRO D 170 -23.08 -24.44 7.91
CA PRO D 170 -22.32 -23.33 8.51
C PRO D 170 -23.01 -22.67 9.68
N ILE D 171 -24.35 -22.62 9.67
CA ILE D 171 -25.07 -22.00 10.78
C ILE D 171 -24.97 -22.87 12.03
N ARG D 172 -25.06 -24.19 11.86
CA ARG D 172 -24.88 -25.08 13.01
C ARG D 172 -23.45 -25.05 13.51
N LEU D 173 -22.48 -25.02 12.60
CA LEU D 173 -21.07 -24.93 13.01
C LEU D 173 -20.76 -23.59 13.65
N GLY D 174 -21.25 -22.50 13.08
CA GLY D 174 -20.97 -21.19 13.65
C GLY D 174 -21.62 -21.01 15.03
N LEU D 175 -22.81 -21.57 15.20
CA LEU D 175 -23.44 -21.57 16.52
C LEU D 175 -22.56 -22.28 17.54
N ALA D 176 -22.08 -23.48 17.20
CA ALA D 176 -21.25 -24.23 18.14
C ALA D 176 -19.96 -23.48 18.45
N LEU D 177 -19.40 -22.79 17.46
CA LEU D 177 -18.19 -22.01 17.70
C LEU D 177 -18.44 -20.90 18.70
N ASN D 178 -19.46 -20.07 18.44
CA ASN D 178 -19.71 -18.92 19.31
C ASN D 178 -20.23 -19.36 20.67
N TYR D 179 -21.01 -20.44 20.73
CA TYR D 179 -21.47 -20.96 22.01
C TYR D 179 -20.30 -21.46 22.86
N SER D 180 -19.35 -22.15 22.24
CA SER D 180 -18.17 -22.58 22.98
C SER D 180 -17.30 -21.40 23.41
N VAL D 181 -17.23 -20.36 22.58
CA VAL D 181 -16.51 -19.16 23.00
C VAL D 181 -17.19 -18.54 24.21
N PHE D 182 -18.53 -18.52 24.20
CA PHE D 182 -19.28 -18.04 25.36
C PHE D 182 -18.92 -18.82 26.62
N TYR D 183 -18.86 -20.14 26.51
CA TYR D 183 -18.50 -20.96 27.68
C TYR D 183 -17.10 -20.60 28.18
N TYR D 184 -16.13 -20.49 27.27
CA TYR D 184 -14.75 -20.28 27.67
C TYR D 184 -14.53 -18.88 28.22
N GLU D 185 -14.91 -17.85 27.47
CA GLU D 185 -14.54 -16.49 27.85
C GLU D 185 -15.54 -15.83 28.79
N ILE D 186 -16.83 -16.15 28.68
CA ILE D 186 -17.83 -15.49 29.51
C ILE D 186 -18.11 -16.28 30.78
N GLN D 187 -18.34 -17.60 30.65
CA GLN D 187 -18.64 -18.42 31.81
C GLN D 187 -17.40 -19.00 32.49
N ASN D 188 -16.22 -18.83 31.89
CA ASN D 188 -14.97 -19.40 32.41
C ASN D 188 -15.14 -20.90 32.67
N ALA D 189 -15.71 -21.60 31.69
CA ALA D 189 -15.99 -23.03 31.78
C ALA D 189 -15.24 -23.74 30.65
N PRO D 190 -13.93 -23.92 30.77
CA PRO D 190 -13.15 -24.46 29.64
C PRO D 190 -13.53 -25.88 29.28
N GLU D 191 -13.93 -26.70 30.26
CA GLU D 191 -14.30 -28.08 29.96
C GLU D 191 -15.56 -28.14 29.10
N GLN D 192 -16.58 -27.35 29.44
CA GLN D 192 -17.77 -27.29 28.61
C GLN D 192 -17.44 -26.71 27.24
N ALA D 193 -16.60 -25.68 27.19
CA ALA D 193 -16.23 -25.06 25.92
C ALA D 193 -15.54 -26.07 25.01
N CYS D 194 -14.56 -26.79 25.54
CA CYS D 194 -13.84 -27.76 24.71
C CYS D 194 -14.74 -28.90 24.28
N HIS D 195 -15.61 -29.37 25.17
CA HIS D 195 -16.52 -30.47 24.83
C HIS D 195 -17.46 -30.07 23.70
N LEU D 196 -18.04 -28.87 23.79
CA LEU D 196 -18.95 -28.40 22.74
C LEU D 196 -18.21 -28.24 21.42
N ALA D 197 -17.04 -27.61 21.44
CA ALA D 197 -16.30 -27.37 20.20
C ALA D 197 -15.81 -28.68 19.58
N LYS D 198 -15.32 -29.61 20.41
CA LYS D 198 -14.80 -30.87 19.87
C LYS D 198 -15.91 -31.74 19.31
N THR D 199 -17.06 -31.76 19.99
CA THR D 199 -18.19 -32.56 19.49
C THR D 199 -18.67 -32.04 18.14
N ALA D 200 -18.83 -30.72 18.02
CA ALA D 200 -19.27 -30.14 16.77
C ALA D 200 -18.25 -30.35 15.66
N PHE D 201 -16.96 -30.25 15.99
CA PHE D 201 -15.92 -30.44 14.99
C PHE D 201 -15.95 -31.86 14.43
N ASP D 202 -15.96 -32.87 15.30
CA ASP D 202 -15.94 -34.25 14.82
C ASP D 202 -17.21 -34.60 14.06
N ASP D 203 -18.37 -34.10 14.51
CA ASP D 203 -19.61 -34.40 13.82
C ASP D 203 -19.60 -33.88 12.39
N ALA D 204 -18.93 -32.76 12.15
CA ALA D 204 -18.85 -32.25 10.79
C ALA D 204 -17.78 -33.00 9.98
N ILE D 205 -16.66 -33.33 10.61
CA ILE D 205 -15.61 -34.07 9.90
C ILE D 205 -16.15 -35.41 9.41
N ALA D 206 -16.97 -36.05 10.23
CA ALA D 206 -17.53 -37.35 9.89
C ALA D 206 -18.37 -37.28 8.61
N GLU D 207 -18.88 -36.11 8.27
CA GLU D 207 -19.74 -35.89 7.12
C GLU D 207 -19.10 -34.94 6.12
N LEU D 208 -17.77 -34.97 6.01
CA LEU D 208 -17.07 -34.08 5.08
C LEU D 208 -17.37 -34.42 3.63
N ASP D 209 -17.72 -35.66 3.35
CA ASP D 209 -18.12 -36.01 1.99
C ASP D 209 -19.42 -35.32 1.61
N THR D 210 -20.14 -34.79 2.61
CA THR D 210 -21.46 -34.22 2.42
C THR D 210 -21.47 -32.73 2.03
N LEU D 211 -20.35 -32.00 2.11
CA LEU D 211 -20.48 -30.57 1.84
C LEU D 211 -20.62 -30.27 0.36
N ASN D 212 -21.42 -29.26 0.04
CA ASN D 212 -21.60 -28.70 -1.29
C ASN D 212 -20.59 -27.59 -1.53
N GLU D 213 -20.66 -26.99 -2.72
CA GLU D 213 -19.73 -25.92 -3.06
C GLU D 213 -19.97 -24.67 -2.23
N ASP D 214 -21.22 -24.36 -1.93
CA ASP D 214 -21.54 -23.14 -1.19
C ASP D 214 -21.16 -23.25 0.28
N SER D 215 -21.37 -24.43 0.88
CA SER D 215 -21.08 -24.63 2.30
C SER D 215 -19.60 -24.86 2.59
N TYR D 216 -18.85 -25.41 1.63
CA TYR D 216 -17.49 -25.86 1.90
C TYR D 216 -16.59 -24.76 2.45
N LYS D 217 -16.66 -23.56 1.88
CA LYS D 217 -15.71 -22.52 2.29
C LYS D 217 -16.07 -22.00 3.67
N ASP D 218 -17.36 -21.74 3.90
CA ASP D 218 -17.81 -21.25 5.21
C ASP D 218 -17.64 -22.32 6.28
N SER D 219 -17.92 -23.58 5.92
CA SER D 219 -17.87 -24.63 6.93
C SER D 219 -16.43 -24.96 7.31
N THR D 220 -15.55 -25.12 6.31
CA THR D 220 -14.16 -25.44 6.63
C THR D 220 -13.47 -24.31 7.38
N LEU D 221 -13.88 -23.06 7.13
CA LEU D 221 -13.33 -21.94 7.88
C LEU D 221 -13.70 -22.06 9.36
N ILE D 222 -14.98 -22.32 9.64
CA ILE D 222 -15.42 -22.46 11.03
C ILE D 222 -14.81 -23.72 11.65
N MET D 223 -14.66 -24.77 10.85
CA MET D 223 -14.00 -25.98 11.36
C MET D 223 -12.56 -25.70 11.71
N GLN D 224 -11.89 -24.86 10.92
CA GLN D 224 -10.53 -24.43 11.26
C GLN D 224 -10.51 -23.60 12.53
N LEU D 225 -11.50 -22.70 12.69
CA LEU D 225 -11.55 -21.87 13.90
C LEU D 225 -11.82 -22.71 15.14
N LEU D 226 -12.68 -23.73 15.01
CA LEU D 226 -12.90 -24.64 16.14
C LEU D 226 -11.59 -25.33 16.52
N ARG D 227 -10.85 -25.81 15.52
CA ARG D 227 -9.57 -26.46 15.81
C ARG D 227 -8.57 -25.49 16.40
N ASP D 228 -8.52 -24.25 15.86
CA ASP D 228 -7.62 -23.25 16.40
C ASP D 228 -7.95 -22.91 17.85
N ASN D 229 -9.23 -22.76 18.16
CA ASN D 229 -9.63 -22.52 19.55
C ASN D 229 -9.29 -23.72 20.43
N LEU D 230 -9.55 -24.93 19.94
CA LEU D 230 -9.26 -26.12 20.74
C LEU D 230 -7.76 -26.23 21.04
N THR D 231 -6.91 -25.94 20.04
CA THR D 231 -5.48 -25.91 20.31
C THR D 231 -5.15 -24.81 21.32
N LEU D 232 -5.76 -23.63 21.17
CA LEU D 232 -5.54 -22.55 22.13
C LEU D 232 -5.99 -22.96 23.54
N TRP D 233 -7.17 -23.57 23.64
CA TRP D 233 -7.72 -23.87 24.96
C TRP D 233 -7.07 -25.08 25.63
N THR D 234 -6.46 -25.98 24.87
CA THR D 234 -5.84 -27.17 25.45
C THR D 234 -4.33 -27.00 25.57
N PRO E 1 4.44 17.49 -20.18
CA PRO E 1 5.61 17.16 -19.35
C PRO E 1 6.82 16.80 -20.22
N ARG E 2 6.85 15.56 -20.72
CA ARG E 2 7.80 15.15 -21.73
C ARG E 2 7.04 14.30 -22.74
N SER E 3 7.60 14.19 -23.95
CA SER E 3 6.92 13.44 -25.00
C SER E 3 6.74 11.98 -24.61
N LEU E 4 5.63 11.40 -25.05
CA LEU E 4 5.29 10.03 -24.75
C LEU E 4 5.52 9.15 -25.96
N SER E 6 5.48 4.80 -27.35
CA SER E 6 4.66 3.60 -27.16
C SER E 6 5.03 2.90 -25.85
N PRO E 7 4.01 2.52 -25.06
CA PRO E 7 4.27 1.81 -23.80
C PRO E 7 4.26 0.29 -23.96
N ARG F 2 -4.12 7.27 -9.84
CA ARG F 2 -4.37 8.53 -9.15
C ARG F 2 -3.08 9.10 -8.56
N SER F 3 -2.93 10.42 -8.64
CA SER F 3 -1.73 11.07 -8.13
C SER F 3 -1.67 11.01 -6.61
N LEU F 4 -0.45 10.90 -6.09
CA LEU F 4 -0.21 10.85 -4.65
C LEU F 4 -0.07 12.26 -4.06
N SER F 6 0.46 14.38 -0.06
CA SER F 6 1.24 14.15 1.16
C SER F 6 0.55 13.16 2.10
N ARG G 2 -0.33 -11.80 5.15
CA ARG G 2 1.02 -11.83 5.72
C ARG G 2 1.21 -10.76 6.79
N SER G 3 1.94 -11.11 7.85
CA SER G 3 2.20 -10.17 8.92
C SER G 3 3.14 -9.07 8.44
N LEU G 4 2.93 -7.86 8.96
CA LEU G 4 3.77 -6.73 8.60
C LEU G 4 5.02 -6.69 9.47
N SER G 6 8.83 -4.27 9.98
CA SER G 6 9.19 -2.85 9.92
C SER G 6 9.36 -2.38 8.47
N PRO H 1 -3.69 -16.61 21.03
CA PRO H 1 -3.84 -15.17 21.27
C PRO H 1 -5.14 -14.85 22.00
N ARG H 2 -6.25 -14.84 21.28
CA ARG H 2 -7.57 -14.74 21.88
C ARG H 2 -8.51 -15.69 21.16
N SER H 3 -9.58 -16.10 21.85
CA SER H 3 -10.55 -17.01 21.25
C SER H 3 -11.20 -16.35 20.04
N LEU H 4 -11.47 -17.16 19.02
CA LEU H 4 -12.07 -16.64 17.79
C LEU H 4 -13.54 -17.05 17.64
N SER H 6 -17.19 -16.54 14.96
CA SER H 6 -17.47 -16.49 13.54
C SER H 6 -17.14 -15.10 12.99
N PRO H 7 -16.43 -15.03 11.86
CA PRO H 7 -16.05 -13.75 11.26
C PRO H 7 -17.10 -13.21 10.27
#